data_9FX9
#
_entry.id   9FX9
#
_cell.length_a   1.00
_cell.length_b   1.00
_cell.length_c   1.00
_cell.angle_alpha   90.00
_cell.angle_beta   90.00
_cell.angle_gamma   90.00
#
_symmetry.space_group_name_H-M   'P 1'
#
loop_
_entity.id
_entity.type
_entity.pdbx_description
1 polymer 'Capsid protein VP1'
2 polymer 'Capsid protein VP2'
3 polymer 'Capsid protein VP3'
#
loop_
_entity_poly.entity_id
_entity_poly.type
_entity_poly.pdbx_seq_one_letter_code
_entity_poly.pdbx_strand_id
1 'polypeptide(L)'
;TRDETSIESFLGRSGCIAMIEFNTSSDKTEHDKIGKGFKTWKVSLQEMAQIRRKYELFTYTRFDSEITIVTAAAAQGNDS
GHIVLQFMYVPPGAPVPEKRDDYTWQSGTNASVFWQEGQPYPRFTIPFMSIASAYYMFYDGYDGDSAASKYGSVVTNDMG
TICVRIVTSNQKHDSNIVCRIYHKAKHIKAWCPRPPRAVAYQHTHSTNYIP
;
A
2 'polypeptide(L)'
;IQITRGDSTITSQDTANAVVAYGVWPSYLTPDDATAIDKPTQPDTSSNRFYTLDSRSWTSASSGWWWKLPDALKNMGIFG
ENMFYHFLGRSGYTIHVQCNSSKFHQGLLIVAAIPEHQLASATSGNVSVGYNHTHPGEQGREVVPSRTSSDNKRPSDDSW
LNFDGTLLGNLPIYPHQYINLRTNNSATLILPYVNAVPMDSMLRHNNWSLVIIPICPLQVQPGGTQSIPITVSISPMFSE
FSGPRS
;
B
3 'polypeptide(L)'
;PVMLTPGSGQFLTTDDTQSPSAFPYFHPTKEIFIPGQVRNLIEMCQVDTLIPVNNTQENVRSVNMYTVDLRTQVDLAKEV
FSIPVDIASQPLATTLIGELASYYTHWTGSLRFSFMFCGSASSTLKLLIAYTPPGVGKPKSRREAMLGTHLVWDVGLQST
ASLVVPWVSASHFRFTTPDTYSSAGYITCWYQTNFVVPDSTPDNAKMVCMVSACKDFCLRLARDTNLHT
;
C
#
# COMPACT_ATOMS: atom_id res chain seq x y z
N THR A 1 18.94 -8.54 -17.03
CA THR A 1 18.59 -7.20 -16.56
C THR A 1 17.38 -7.20 -15.62
N ARG A 2 17.12 -6.07 -14.94
CA ARG A 2 16.06 -5.82 -13.94
C ARG A 2 15.95 -6.78 -12.76
N ASP A 3 17.01 -7.53 -12.44
CA ASP A 3 17.12 -8.24 -11.17
C ASP A 3 17.27 -7.28 -9.98
N GLU A 4 17.77 -6.05 -10.19
CA GLU A 4 17.95 -5.11 -9.08
C GLU A 4 16.61 -4.56 -8.53
N THR A 5 15.52 -4.68 -9.28
CA THR A 5 14.15 -4.43 -8.81
C THR A 5 13.40 -5.70 -8.40
N SER A 6 14.03 -6.88 -8.40
CA SER A 6 13.43 -8.06 -7.75
C SER A 6 13.19 -7.78 -6.26
N ILE A 7 12.20 -8.45 -5.66
CA ILE A 7 11.93 -8.27 -4.22
C ILE A 7 13.11 -8.70 -3.36
N GLU A 8 13.84 -9.76 -3.73
CA GLU A 8 15.05 -10.17 -3.03
C GLU A 8 16.12 -9.05 -3.04
N SER A 9 16.31 -8.35 -4.16
CA SER A 9 17.20 -7.19 -4.22
C SER A 9 16.67 -5.99 -3.43
N PHE A 10 15.37 -5.70 -3.50
CA PHE A 10 14.79 -4.51 -2.88
C PHE A 10 14.65 -4.60 -1.35
N LEU A 11 14.19 -5.74 -0.83
CA LEU A 11 14.01 -5.96 0.62
C LEU A 11 15.17 -6.71 1.29
N GLY A 12 16.00 -7.43 0.53
CA GLY A 12 17.00 -8.37 1.04
C GLY A 12 18.42 -7.84 1.16
N ARG A 13 18.59 -6.56 1.49
CA ARG A 13 19.90 -5.94 1.75
C ARG A 13 20.09 -5.74 3.24
N SER A 14 21.28 -6.06 3.74
CA SER A 14 21.60 -5.97 5.15
C SER A 14 21.49 -4.53 5.66
N GLY A 15 20.90 -4.33 6.83
CA GLY A 15 20.80 -3.01 7.47
C GLY A 15 20.78 -3.12 8.98
N CYS A 16 21.29 -2.11 9.68
CA CYS A 16 21.30 -2.02 11.13
C CYS A 16 19.89 -1.73 11.67
N ILE A 17 19.11 -2.77 11.99
CA ILE A 17 17.73 -2.61 12.47
C ILE A 17 17.63 -2.29 13.96
N ALA A 18 18.68 -2.51 14.75
CA ALA A 18 18.69 -2.21 16.17
C ALA A 18 20.08 -1.91 16.72
N MET A 19 20.12 -1.22 17.85
CA MET A 19 21.31 -0.66 18.46
C MET A 19 21.29 -0.94 19.96
N ILE A 20 21.64 -2.16 20.35
CA ILE A 20 21.70 -2.56 21.76
C ILE A 20 22.91 -1.89 22.42
N GLU A 21 22.70 -1.24 23.56
CA GLU A 21 23.77 -0.70 24.39
C GLU A 21 23.52 -1.04 25.87
N PHE A 22 24.57 -1.39 26.60
CA PHE A 22 24.51 -1.59 28.06
C PHE A 22 25.88 -1.41 28.72
N ASN A 23 25.85 -1.23 30.04
CA ASN A 23 27.00 -1.01 30.91
C ASN A 23 27.11 -2.13 31.96
N THR A 24 28.33 -2.38 32.44
CA THR A 24 28.59 -3.27 33.59
C THR A 24 29.65 -2.65 34.51
N SER A 25 29.66 -3.04 35.78
CA SER A 25 30.50 -2.42 36.83
C SER A 25 30.84 -3.41 37.94
N GLY A 35 20.69 -8.87 36.77
CA GLY A 35 20.49 -7.43 36.59
C GLY A 35 21.73 -6.70 36.05
N LYS A 36 21.52 -5.46 35.57
CA LYS A 36 22.52 -4.54 34.98
C LYS A 36 23.23 -5.05 33.72
N GLY A 37 24.05 -6.10 33.83
CA GLY A 37 24.99 -6.58 32.82
C GLY A 37 24.37 -7.39 31.67
N PHE A 38 23.11 -7.13 31.34
CA PHE A 38 22.41 -7.72 30.21
C PHE A 38 21.44 -6.72 29.57
N LYS A 39 21.05 -6.96 28.34
CA LYS A 39 20.06 -6.16 27.61
C LYS A 39 19.25 -7.04 26.67
N THR A 40 18.03 -6.64 26.34
CA THR A 40 17.14 -7.36 25.43
C THR A 40 16.50 -6.40 24.45
N TRP A 41 16.15 -6.91 23.27
CA TRP A 41 15.45 -6.17 22.23
C TRP A 41 14.48 -7.08 21.50
N LYS A 42 13.18 -6.77 21.56
CA LYS A 42 12.15 -7.49 20.82
C LYS A 42 12.29 -7.19 19.33
N VAL A 43 12.48 -8.22 18.52
CA VAL A 43 12.82 -8.08 17.11
C VAL A 43 11.63 -7.55 16.31
N SER A 44 11.81 -6.41 15.64
CA SER A 44 10.85 -5.89 14.66
C SER A 44 11.56 -5.08 13.59
N LEU A 45 10.95 -4.94 12.42
CA LEU A 45 11.46 -4.09 11.34
C LEU A 45 10.93 -2.65 11.41
N GLN A 46 10.16 -2.31 12.45
CA GLN A 46 9.48 -1.02 12.55
C GLN A 46 10.33 0.09 13.18
N GLU A 47 11.49 -0.23 13.76
CA GLU A 47 12.31 0.74 14.51
C GLU A 47 12.88 1.85 13.63
N MET A 48 13.40 1.50 12.45
CA MET A 48 14.10 2.43 11.56
C MET A 48 13.20 2.78 10.38
N ALA A 49 12.89 4.06 10.19
CA ALA A 49 11.95 4.53 9.18
C ALA A 49 12.32 4.10 7.76
N GLN A 50 13.60 4.14 7.40
CA GLN A 50 14.08 3.79 6.06
C GLN A 50 13.89 2.31 5.73
N ILE A 51 14.10 1.42 6.71
CA ILE A 51 13.81 -0.02 6.56
C ILE A 51 12.30 -0.23 6.50
N ARG A 52 11.58 0.30 7.48
CA ARG A 52 10.14 0.17 7.64
C ARG A 52 9.37 0.55 6.38
N ARG A 53 9.70 1.69 5.76
CA ARG A 53 9.02 2.20 4.56
C ARG A 53 9.06 1.20 3.40
N LYS A 54 10.18 0.48 3.24
CA LYS A 54 10.36 -0.51 2.15
C LYS A 54 9.49 -1.73 2.38
N TYR A 55 9.47 -2.29 3.60
CA TYR A 55 8.59 -3.41 3.95
C TYR A 55 7.12 -3.04 3.87
N GLU A 56 6.74 -1.84 4.30
CA GLU A 56 5.37 -1.33 4.23
C GLU A 56 4.87 -0.97 2.81
N LEU A 57 5.66 -1.11 1.74
CA LEU A 57 5.13 -1.16 0.38
C LEU A 57 4.32 -2.44 0.12
N PHE A 58 4.30 -3.39 1.04
CA PHE A 58 3.60 -4.67 0.92
C PHE A 58 2.69 -4.89 2.10
N THR A 59 1.65 -5.69 1.91
CA THR A 59 0.70 -6.01 2.98
C THR A 59 1.19 -7.19 3.81
N TYR A 60 1.73 -8.20 3.14
CA TYR A 60 2.31 -9.37 3.77
C TYR A 60 3.71 -9.59 3.22
N THR A 61 4.62 -10.07 4.07
CA THR A 61 5.94 -10.52 3.64
C THR A 61 6.32 -11.79 4.39
N ARG A 62 7.10 -12.66 3.77
CA ARG A 62 7.65 -13.87 4.39
C ARG A 62 9.13 -13.95 4.04
N PHE A 63 9.97 -14.17 5.04
CA PHE A 63 11.40 -14.33 4.87
C PHE A 63 11.98 -15.10 6.06
N ASP A 64 13.06 -15.83 5.82
CA ASP A 64 14.02 -16.16 6.88
C ASP A 64 14.86 -14.92 7.15
N SER A 65 15.50 -14.79 8.31
CA SER A 65 16.38 -13.64 8.52
C SER A 65 17.73 -13.99 9.13
N GLU A 66 18.75 -13.43 8.49
CA GLU A 66 20.14 -13.60 8.87
C GLU A 66 20.56 -12.42 9.73
N ILE A 67 20.97 -12.71 10.95
CA ILE A 67 21.42 -11.74 11.93
C ILE A 67 22.94 -11.76 11.95
N THR A 68 23.57 -10.59 11.83
CA THR A 68 25.00 -10.41 12.07
C THR A 68 25.15 -9.33 13.13
N ILE A 69 25.92 -9.57 14.19
CA ILE A 69 26.00 -8.61 15.30
C ILE A 69 27.38 -7.98 15.35
N VAL A 70 27.48 -6.69 15.03
CA VAL A 70 28.74 -5.94 15.09
C VAL A 70 28.86 -5.32 16.47
N THR A 71 29.84 -5.75 17.23
CA THR A 71 30.06 -5.30 18.61
C THR A 71 31.31 -4.45 18.75
N ALA A 72 31.17 -3.31 19.42
CA ALA A 72 32.28 -2.52 19.94
C ALA A 72 32.14 -2.38 21.46
N ALA A 73 33.26 -2.37 22.17
CA ALA A 73 33.28 -2.26 23.63
C ALA A 73 34.46 -1.42 24.12
N ALA A 74 34.30 -0.75 25.27
CA ALA A 74 35.35 0.05 25.91
C ALA A 74 35.27 -0.02 27.45
N ALA A 75 36.42 -0.11 28.12
CA ALA A 75 36.49 -0.21 29.58
C ALA A 75 36.08 1.07 30.30
N GLY A 81 41.87 -8.53 29.79
CA GLY A 81 41.80 -9.49 28.69
C GLY A 81 40.56 -9.32 27.79
N HIS A 82 40.48 -10.11 26.72
CA HIS A 82 39.38 -10.06 25.74
C HIS A 82 38.02 -10.39 26.36
N ILE A 83 37.00 -9.59 26.04
CA ILE A 83 35.63 -9.79 26.54
C ILE A 83 34.95 -10.99 25.86
N VAL A 84 34.14 -11.75 26.61
CA VAL A 84 33.26 -12.80 26.10
C VAL A 84 31.80 -12.41 26.29
N LEU A 85 31.02 -12.46 25.21
CA LEU A 85 29.58 -12.18 25.21
C LEU A 85 28.77 -13.41 24.81
N GLN A 86 27.58 -13.55 25.38
CA GLN A 86 26.56 -14.47 24.91
C GLN A 86 25.45 -13.67 24.25
N PHE A 87 25.18 -13.97 22.99
CA PHE A 87 24.02 -13.48 22.25
C PHE A 87 23.01 -14.61 22.17
N MET A 88 21.78 -14.37 22.63
CA MET A 88 20.75 -15.38 22.67
C MET A 88 19.51 -14.93 21.89
N TYR A 89 19.06 -15.77 20.97
CA TYR A 89 17.77 -15.63 20.32
C TYR A 89 16.71 -16.41 21.08
N VAL A 90 15.72 -15.71 21.60
CA VAL A 90 14.55 -16.28 22.25
C VAL A 90 13.41 -16.29 21.22
N PRO A 91 12.91 -17.45 20.79
CA PRO A 91 11.87 -17.52 19.77
C PRO A 91 10.51 -16.99 20.29
N PRO A 92 9.55 -16.69 19.40
CA PRO A 92 8.22 -16.24 19.78
C PRO A 92 7.55 -17.10 20.87
N GLY A 93 7.01 -16.45 21.89
CA GLY A 93 6.30 -17.12 23.00
C GLY A 93 7.17 -17.81 24.05
N ALA A 94 8.49 -17.89 23.89
CA ALA A 94 9.40 -18.37 24.93
C ALA A 94 9.71 -17.26 25.96
N PRO A 95 10.06 -17.60 27.22
CA PRO A 95 10.35 -16.61 28.26
C PRO A 95 11.66 -15.86 28.02
N VAL A 96 11.60 -14.53 28.11
CA VAL A 96 12.74 -13.60 27.95
C VAL A 96 13.47 -13.41 29.28
N PRO A 97 14.81 -13.27 29.32
CA PRO A 97 15.56 -13.00 30.53
C PRO A 97 15.06 -11.83 31.38
N GLU A 98 14.96 -12.03 32.70
CA GLU A 98 14.69 -10.96 33.67
C GLU A 98 15.95 -10.51 34.43
N LYS A 99 17.00 -11.33 34.45
CA LYS A 99 18.26 -11.14 35.20
C LYS A 99 19.46 -11.65 34.40
N ARG A 100 20.67 -11.17 34.70
CA ARG A 100 21.92 -11.56 34.00
C ARG A 100 22.23 -13.05 34.09
N ASP A 101 21.81 -13.75 35.15
CA ASP A 101 22.07 -15.18 35.31
C ASP A 101 20.78 -15.97 35.62
N ASP A 102 19.68 -15.54 35.01
CA ASP A 102 18.40 -16.25 34.95
C ASP A 102 18.53 -17.65 34.30
N TYR A 103 17.57 -18.55 34.52
CA TYR A 103 17.59 -19.89 33.90
C TYR A 103 17.47 -19.84 32.37
N THR A 104 16.84 -18.81 31.82
CA THR A 104 16.57 -18.67 30.39
C THR A 104 17.84 -18.68 29.52
N TRP A 105 18.96 -18.20 30.04
CA TRP A 105 20.27 -18.23 29.37
C TRP A 105 20.86 -19.64 29.20
N GLN A 106 20.42 -20.60 30.01
CA GLN A 106 20.88 -21.99 29.98
C GLN A 106 19.96 -22.91 29.15
N SER A 107 18.77 -22.44 28.77
CA SER A 107 17.78 -23.25 28.06
C SER A 107 18.27 -23.69 26.69
N GLY A 108 18.27 -25.00 26.44
CA GLY A 108 18.64 -25.59 25.14
C GLY A 108 17.62 -25.33 24.02
N THR A 109 16.45 -24.78 24.35
CA THR A 109 15.42 -24.39 23.37
C THR A 109 15.66 -23.00 22.78
N ASN A 110 16.40 -22.12 23.46
CA ASN A 110 16.90 -20.88 22.87
C ASN A 110 18.16 -21.15 22.03
N ALA A 111 18.40 -20.36 20.99
CA ALA A 111 19.65 -20.43 20.24
C ALA A 111 20.65 -19.41 20.82
N SER A 112 21.81 -19.85 21.30
CA SER A 112 22.88 -18.97 21.77
C SER A 112 24.11 -19.06 20.89
N VAL A 113 24.74 -17.93 20.63
CA VAL A 113 26.11 -17.86 20.11
C VAL A 113 26.99 -17.15 21.13
N PHE A 114 28.04 -17.84 21.56
CA PHE A 114 29.09 -17.27 22.38
C PHE A 114 30.16 -16.71 21.44
N TRP A 115 30.50 -15.44 21.65
CA TRP A 115 31.47 -14.72 20.83
C TRP A 115 32.50 -14.05 21.74
N GLN A 116 33.75 -14.07 21.31
CA GLN A 116 34.85 -13.47 22.07
C GLN A 116 35.58 -12.44 21.23
N GLU A 117 35.98 -11.35 21.86
CA GLU A 117 36.46 -10.14 21.19
C GLU A 117 37.60 -10.40 20.18
N GLY A 118 37.53 -9.75 19.03
CA GLY A 118 38.49 -9.92 17.92
C GLY A 118 38.23 -11.12 17.00
N GLN A 119 37.39 -12.08 17.40
CA GLN A 119 36.86 -13.14 16.53
C GLN A 119 35.95 -12.54 15.45
N PRO A 120 35.82 -13.11 14.24
CA PRO A 120 34.85 -12.67 13.24
C PRO A 120 33.44 -12.54 13.84
N TYR A 121 32.67 -11.53 13.42
CA TYR A 121 31.39 -11.23 14.05
C TYR A 121 30.40 -12.41 13.95
N PRO A 122 29.59 -12.65 15.00
CA PRO A 122 28.69 -13.78 15.06
C PRO A 122 27.56 -13.61 14.05
N ARG A 123 27.20 -14.70 13.40
CA ARG A 123 26.12 -14.77 12.41
C ARG A 123 25.28 -16.03 12.56
N PHE A 124 23.98 -15.89 12.45
CA PHE A 124 23.04 -17.02 12.41
C PHE A 124 21.78 -16.65 11.62
N THR A 125 21.09 -17.64 11.06
CA THR A 125 19.80 -17.44 10.40
C THR A 125 18.67 -17.94 11.29
N ILE A 126 17.71 -17.09 11.63
CA ILE A 126 16.45 -17.54 12.21
C ILE A 126 15.49 -17.93 11.07
N PRO A 127 14.82 -19.09 11.13
CA PRO A 127 13.77 -19.42 10.17
C PRO A 127 12.59 -18.44 10.24
N PHE A 128 11.71 -18.45 9.26
CA PHE A 128 10.38 -17.83 9.40
C PHE A 128 9.60 -18.47 10.58
N MET A 129 9.47 -17.76 11.70
CA MET A 129 8.99 -18.32 12.98
C MET A 129 7.46 -18.31 13.19
N SER A 130 6.73 -17.48 12.44
CA SER A 130 5.32 -17.17 12.70
C SER A 130 4.38 -18.38 12.57
N ILE A 131 3.31 -18.39 13.37
CA ILE A 131 2.23 -19.38 13.26
C ILE A 131 1.30 -19.13 12.05
N ALA A 132 1.20 -17.89 11.56
CA ALA A 132 0.64 -17.55 10.26
C ALA A 132 1.66 -17.78 9.13
N SER A 133 1.22 -17.96 7.88
CA SER A 133 2.08 -18.26 6.72
C SER A 133 2.92 -17.08 6.20
N ALA A 134 2.66 -15.86 6.65
CA ALA A 134 3.44 -14.66 6.36
C ALA A 134 3.34 -13.67 7.52
N TYR A 135 4.26 -12.73 7.63
CA TYR A 135 4.14 -11.58 8.52
C TYR A 135 3.14 -10.56 7.95
N TYR A 136 2.32 -10.00 8.82
CA TYR A 136 1.42 -8.90 8.53
C TYR A 136 2.17 -7.58 8.65
N MET A 137 2.41 -6.88 7.55
CA MET A 137 2.92 -5.49 7.64
C MET A 137 1.84 -4.55 8.17
N PHE A 138 0.58 -4.88 7.86
CA PHE A 138 -0.63 -4.20 8.30
C PHE A 138 -1.65 -5.25 8.73
N TYR A 139 -2.48 -4.93 9.70
CA TYR A 139 -3.48 -5.87 10.21
C TYR A 139 -4.74 -5.10 10.62
N ASP A 140 -5.83 -5.27 9.90
CA ASP A 140 -7.06 -4.53 10.17
C ASP A 140 -7.95 -5.28 11.18
N GLY A 141 -7.44 -5.43 12.40
CA GLY A 141 -8.09 -6.20 13.44
C GLY A 141 -7.42 -6.09 14.81
N TYR A 142 -7.97 -6.83 15.76
CA TYR A 142 -7.69 -6.68 17.19
C TYR A 142 -7.17 -7.95 17.87
N ASP A 143 -6.48 -7.77 19.00
CA ASP A 143 -6.13 -8.86 19.94
C ASP A 143 -7.33 -9.40 20.76
N GLY A 144 -8.48 -8.72 20.73
CA GLY A 144 -9.65 -9.05 21.53
C GLY A 144 -10.78 -8.00 21.40
N ASP A 145 -11.85 -8.17 22.17
CA ASP A 145 -13.08 -7.37 22.04
C ASP A 145 -13.01 -6.00 22.75
N SER A 146 -12.06 -5.80 23.66
CA SER A 146 -12.07 -4.70 24.64
C SER A 146 -11.70 -3.33 24.05
N ALA A 147 -12.09 -2.24 24.73
CA ALA A 147 -11.64 -0.89 24.38
C ALA A 147 -10.12 -0.67 24.58
N ALA A 148 -9.48 -1.48 25.41
CA ALA A 148 -8.03 -1.50 25.65
C ALA A 148 -7.24 -2.38 24.66
N SER A 149 -7.91 -3.20 23.84
CA SER A 149 -7.26 -4.14 22.92
C SER A 149 -6.41 -3.42 21.88
N LYS A 150 -5.24 -3.99 21.56
CA LYS A 150 -4.35 -3.47 20.54
C LYS A 150 -4.95 -3.70 19.15
N TYR A 151 -4.67 -2.76 18.25
CA TYR A 151 -5.06 -2.77 16.84
C TYR A 151 -3.80 -2.75 15.98
N GLY A 152 -3.81 -3.39 14.82
CA GLY A 152 -2.70 -3.31 13.88
C GLY A 152 -1.62 -4.36 14.04
N SER A 153 -0.54 -4.22 13.28
CA SER A 153 0.51 -5.24 13.11
C SER A 153 1.34 -5.55 14.36
N VAL A 154 1.07 -4.90 15.50
CA VAL A 154 1.59 -5.29 16.83
C VAL A 154 0.88 -6.52 17.41
N VAL A 155 -0.35 -6.81 16.96
CA VAL A 155 -1.16 -7.95 17.45
C VAL A 155 -0.53 -9.27 17.01
N THR A 156 -0.30 -9.40 15.71
CA THR A 156 0.43 -10.48 15.07
C THR A 156 1.96 -10.23 15.15
N ASN A 157 2.78 -11.07 14.51
CA ASN A 157 4.21 -10.80 14.30
C ASN A 157 5.11 -10.68 15.55
N ASP A 158 4.93 -11.50 16.58
CA ASP A 158 6.07 -11.76 17.47
C ASP A 158 7.14 -12.48 16.63
N MET A 159 8.30 -11.86 16.41
CA MET A 159 9.42 -12.47 15.69
C MET A 159 10.46 -13.08 16.64
N GLY A 160 10.34 -12.89 17.95
CA GLY A 160 11.31 -13.29 18.96
C GLY A 160 12.05 -12.09 19.56
N THR A 161 13.01 -12.37 20.44
CA THR A 161 13.79 -11.36 21.16
C THR A 161 15.28 -11.70 21.07
N ILE A 162 16.13 -10.70 20.86
CA ILE A 162 17.58 -10.84 20.94
C ILE A 162 18.02 -10.35 22.31
N CYS A 163 18.78 -11.17 23.01
CA CYS A 163 19.27 -10.91 24.36
C CYS A 163 20.79 -10.94 24.35
N VAL A 164 21.44 -10.05 25.10
CA VAL A 164 22.90 -9.97 25.21
C VAL A 164 23.28 -9.94 26.67
N ARG A 165 24.30 -10.72 27.06
CA ARG A 165 24.96 -10.56 28.35
C ARG A 165 26.46 -10.71 28.22
N ILE A 166 27.19 -10.01 29.10
CA ILE A 166 28.60 -10.29 29.32
C ILE A 166 28.76 -11.59 30.14
N VAL A 167 29.63 -12.49 29.69
CA VAL A 167 29.97 -13.74 30.40
C VAL A 167 31.14 -13.52 31.37
N THR A 168 32.10 -12.67 30.99
CA THR A 168 33.25 -12.22 31.80
C THR A 168 32.83 -11.59 33.14
N SER A 169 33.67 -11.70 34.19
CA SER A 169 33.28 -11.40 35.57
C SER A 169 33.03 -9.92 35.91
N ASN A 170 33.67 -8.97 35.22
CA ASN A 170 33.61 -7.54 35.51
C ASN A 170 33.88 -6.66 34.28
N ASP A 174 33.90 -2.42 35.08
CA ASP A 174 33.62 -1.12 34.46
C ASP A 174 33.81 -1.18 32.92
N SER A 175 32.72 -1.44 32.19
CA SER A 175 32.74 -1.53 30.71
C SER A 175 31.41 -1.12 30.07
N ASN A 176 31.49 -0.53 28.87
CA ASN A 176 30.37 -0.11 28.02
C ASN A 176 30.41 -0.88 26.69
N ILE A 177 29.28 -1.48 26.30
CA ILE A 177 29.17 -2.36 25.13
C ILE A 177 28.07 -1.84 24.20
N VAL A 178 28.37 -1.72 22.91
CA VAL A 178 27.40 -1.39 21.85
C VAL A 178 27.37 -2.47 20.78
N CYS A 179 26.20 -3.04 20.53
CA CYS A 179 25.96 -4.07 19.52
C CYS A 179 24.99 -3.55 18.44
N ARG A 180 25.47 -3.42 17.20
CA ARG A 180 24.67 -3.12 16.02
C ARG A 180 24.13 -4.43 15.47
N ILE A 181 22.81 -4.58 15.44
CA ILE A 181 22.15 -5.78 14.91
C ILE A 181 21.87 -5.55 13.43
N TYR A 182 22.74 -6.09 12.58
CA TYR A 182 22.49 -6.12 11.15
C TYR A 182 21.57 -7.28 10.81
N HIS A 183 20.57 -7.01 10.00
CA HIS A 183 19.57 -7.98 9.57
C HIS A 183 19.47 -7.98 8.06
N LYS A 184 19.51 -9.16 7.46
CA LYS A 184 19.24 -9.41 6.05
C LYS A 184 18.09 -10.40 5.96
N ALA A 185 16.98 -10.01 5.33
CA ALA A 185 15.93 -10.94 4.96
C ALA A 185 16.38 -11.83 3.79
N LYS A 186 16.03 -13.12 3.82
CA LYS A 186 16.42 -14.11 2.81
C LYS A 186 15.22 -14.93 2.34
N HIS A 187 15.26 -15.37 1.09
CA HIS A 187 14.18 -16.14 0.45
C HIS A 187 12.84 -15.41 0.53
N ILE A 188 12.87 -14.11 0.20
CA ILE A 188 11.80 -13.17 0.48
C ILE A 188 10.63 -13.39 -0.49
N LYS A 189 9.42 -13.39 0.05
CA LYS A 189 8.18 -13.27 -0.70
C LYS A 189 7.37 -12.10 -0.15
N ALA A 190 6.67 -11.40 -1.01
CA ALA A 190 5.88 -10.23 -0.65
C ALA A 190 4.56 -10.23 -1.42
N TRP A 191 3.49 -9.76 -0.80
CA TRP A 191 2.15 -9.80 -1.37
C TRP A 191 1.39 -8.49 -1.16
N CYS A 192 0.49 -8.20 -2.09
CA CYS A 192 -0.49 -7.12 -2.06
C CYS A 192 0.20 -5.75 -1.89
N PRO A 193 0.70 -5.17 -2.98
CA PRO A 193 1.45 -3.92 -2.92
C PRO A 193 0.56 -2.76 -2.46
N ARG A 194 1.17 -1.78 -1.82
CA ARG A 194 0.50 -0.67 -1.14
C ARG A 194 1.12 0.65 -1.58
N PRO A 195 0.38 1.76 -1.52
CA PRO A 195 0.96 3.08 -1.70
C PRO A 195 2.14 3.31 -0.74
N PRO A 196 3.21 4.00 -1.17
CA PRO A 196 4.28 4.40 -0.26
C PRO A 196 3.77 5.34 0.82
N ARG A 197 4.38 5.26 2.00
CA ARG A 197 4.15 6.18 3.12
C ARG A 197 4.50 7.62 2.71
N ALA A 198 3.53 8.52 2.73
CA ALA A 198 3.68 9.90 2.24
C ALA A 198 4.12 10.92 3.29
N VAL A 199 3.97 10.58 4.56
CA VAL A 199 4.16 11.47 5.73
C VAL A 199 4.97 10.75 6.82
N ALA A 200 5.56 11.49 7.75
CA ALA A 200 6.48 10.94 8.74
C ALA A 200 5.85 9.81 9.58
N TYR A 201 6.64 8.81 9.95
CA TYR A 201 6.28 7.84 10.99
C TYR A 201 6.37 8.48 12.38
N GLN A 202 5.33 8.29 13.19
CA GLN A 202 5.31 8.80 14.57
C GLN A 202 5.70 7.73 15.60
N HIS A 203 5.17 6.51 15.46
CA HIS A 203 5.32 5.41 16.44
C HIS A 203 5.41 4.05 15.74
N THR A 204 6.03 3.06 16.39
CA THR A 204 6.16 1.69 15.88
C THR A 204 4.81 0.98 15.73
N HIS A 205 4.69 0.13 14.70
CA HIS A 205 3.47 -0.62 14.28
C HIS A 205 2.20 0.21 13.94
N SER A 206 2.09 1.45 14.40
CA SER A 206 0.97 2.34 14.13
C SER A 206 1.05 3.00 12.74
N THR A 207 -0.09 3.22 12.08
CA THR A 207 -0.19 4.07 10.88
C THR A 207 -0.38 5.56 11.19
N ASN A 208 -0.44 5.98 12.47
CA ASN A 208 -0.59 7.39 12.87
C ASN A 208 0.50 8.29 12.24
N TYR A 209 0.13 9.52 11.86
CA TYR A 209 1.01 10.45 11.14
C TYR A 209 1.02 11.89 11.69
N ILE A 210 0.03 12.30 12.46
CA ILE A 210 -0.11 13.68 12.93
C ILE A 210 1.02 14.03 13.92
N PRO A 211 1.75 15.15 13.73
CA PRO A 211 2.86 15.56 14.59
C PRO A 211 2.52 15.59 16.08
N ILE B 1 -28.74 -5.73 -18.18
CA ILE B 1 -29.21 -7.10 -17.97
C ILE B 1 -29.49 -7.37 -16.48
N GLN B 2 -29.91 -8.59 -16.14
CA GLN B 2 -30.28 -9.05 -14.81
C GLN B 2 -29.21 -9.99 -14.21
N ILE B 3 -28.80 -9.76 -12.97
CA ILE B 3 -27.93 -10.65 -12.19
C ILE B 3 -28.72 -11.19 -10.98
N THR B 4 -28.80 -12.51 -10.82
CA THR B 4 -29.52 -13.17 -9.71
C THR B 4 -28.58 -14.06 -8.90
N ARG B 5 -28.58 -13.92 -7.57
CA ARG B 5 -27.85 -14.81 -6.63
C ARG B 5 -28.73 -15.09 -5.40
N GLY B 6 -28.94 -16.36 -5.05
CA GLY B 6 -29.94 -16.73 -4.04
C GLY B 6 -31.34 -16.23 -4.45
N ASP B 7 -32.13 -15.71 -3.50
CA ASP B 7 -33.40 -15.04 -3.79
C ASP B 7 -33.27 -13.52 -4.07
N SER B 8 -32.06 -13.03 -4.30
CA SER B 8 -31.77 -11.62 -4.60
C SER B 8 -31.47 -11.39 -6.08
N THR B 9 -32.00 -10.31 -6.65
CA THR B 9 -31.77 -9.92 -8.05
C THR B 9 -31.46 -8.43 -8.16
N ILE B 10 -30.47 -8.09 -8.97
CA ILE B 10 -30.04 -6.71 -9.27
C ILE B 10 -29.92 -6.52 -10.79
N THR B 11 -30.14 -5.32 -11.28
CA THR B 11 -30.06 -5.01 -12.72
C THR B 11 -28.87 -4.10 -13.05
N SER B 12 -28.03 -4.53 -14.01
CA SER B 12 -26.91 -3.77 -14.55
C SER B 12 -26.34 -4.42 -15.81
N GLN B 13 -26.10 -3.65 -16.87
CA GLN B 13 -25.48 -4.13 -18.11
C GLN B 13 -23.94 -4.28 -18.05
N ASP B 14 -23.26 -3.69 -17.06
CA ASP B 14 -21.79 -3.60 -17.01
C ASP B 14 -21.08 -4.85 -16.42
N THR B 15 -21.82 -5.87 -15.97
CA THR B 15 -21.31 -6.96 -15.11
C THR B 15 -20.09 -7.73 -15.67
N ALA B 16 -19.96 -7.86 -16.99
CA ALA B 16 -18.83 -8.52 -17.64
C ALA B 16 -17.49 -7.73 -17.53
N ASN B 17 -17.55 -6.42 -17.25
CA ASN B 17 -16.41 -5.51 -17.14
C ASN B 17 -15.87 -5.40 -15.69
N ALA B 18 -16.04 -6.43 -14.86
CA ALA B 18 -15.56 -6.44 -13.49
C ALA B 18 -14.02 -6.51 -13.39
N VAL B 19 -13.44 -5.86 -12.37
CA VAL B 19 -12.04 -6.04 -12.00
C VAL B 19 -11.92 -7.18 -11.01
N VAL B 20 -11.15 -8.20 -11.37
CA VAL B 20 -10.78 -9.30 -10.48
C VAL B 20 -9.52 -8.93 -9.74
N ALA B 21 -9.59 -8.73 -8.43
CA ALA B 21 -8.47 -8.30 -7.62
C ALA B 21 -7.29 -9.26 -7.74
N TYR B 22 -6.12 -8.71 -8.09
CA TYR B 22 -4.88 -9.46 -8.33
C TYR B 22 -4.97 -10.55 -9.41
N GLY B 23 -5.99 -10.50 -10.27
CA GLY B 23 -6.24 -11.52 -11.30
C GLY B 23 -6.66 -12.89 -10.77
N VAL B 24 -6.97 -13.00 -9.47
CA VAL B 24 -7.32 -14.28 -8.83
C VAL B 24 -8.82 -14.35 -8.57
N TRP B 25 -9.50 -15.31 -9.21
CA TRP B 25 -10.91 -15.54 -8.94
C TRP B 25 -11.09 -16.16 -7.54
N PRO B 26 -12.10 -15.76 -6.75
CA PRO B 26 -12.43 -16.41 -5.49
C PRO B 26 -12.64 -17.93 -5.66
N SER B 27 -12.30 -18.72 -4.64
CA SER B 27 -12.43 -20.18 -4.69
C SER B 27 -12.53 -20.80 -3.30
N TYR B 28 -13.05 -22.02 -3.20
CA TYR B 28 -12.98 -22.80 -1.97
C TYR B 28 -11.54 -23.24 -1.66
N LEU B 29 -11.22 -23.34 -0.38
CA LEU B 29 -9.89 -23.70 0.11
C LEU B 29 -9.45 -25.09 -0.38
N THR B 30 -8.22 -25.19 -0.91
CA THR B 30 -7.68 -26.44 -1.49
C THR B 30 -7.30 -27.47 -0.41
N PRO B 31 -7.26 -28.78 -0.73
CA PRO B 31 -7.00 -29.85 0.25
C PRO B 31 -5.70 -29.71 1.06
N ASP B 32 -4.66 -29.11 0.47
CA ASP B 32 -3.46 -28.67 1.19
C ASP B 32 -3.73 -27.39 1.97
N GLN B 42 -19.22 -24.70 3.54
CA GLN B 42 -19.63 -24.49 2.15
C GLN B 42 -21.16 -24.46 2.00
N PRO B 43 -21.84 -23.39 2.43
CA PRO B 43 -23.31 -23.29 2.47
C PRO B 43 -23.97 -22.92 1.12
N ASP B 44 -23.18 -22.50 0.12
CA ASP B 44 -23.67 -22.07 -1.21
C ASP B 44 -24.73 -20.94 -1.15
N THR B 45 -25.70 -20.94 -2.07
CA THR B 45 -26.52 -19.76 -2.44
C THR B 45 -27.42 -19.20 -1.33
N SER B 46 -27.75 -19.98 -0.29
CA SER B 46 -28.48 -19.45 0.89
C SER B 46 -27.65 -18.39 1.64
N SER B 47 -26.33 -18.55 1.68
CA SER B 47 -25.39 -17.54 2.20
C SER B 47 -25.04 -16.48 1.14
N ASN B 48 -24.69 -16.94 -0.07
CA ASN B 48 -24.07 -16.13 -1.13
C ASN B 48 -25.10 -15.32 -1.97
N ARG B 49 -26.00 -14.58 -1.31
CA ARG B 49 -26.92 -13.57 -1.91
C ARG B 49 -26.20 -12.24 -2.15
N PHE B 50 -26.72 -11.36 -3.01
CA PHE B 50 -26.43 -9.93 -2.91
C PHE B 50 -27.19 -9.29 -1.75
N TYR B 51 -26.48 -8.62 -0.86
CA TYR B 51 -27.04 -7.73 0.15
C TYR B 51 -26.81 -6.29 -0.31
N THR B 52 -27.88 -5.52 -0.51
CA THR B 52 -27.80 -4.14 -0.97
C THR B 52 -27.90 -3.22 0.23
N LEU B 53 -26.87 -2.42 0.46
CA LEU B 53 -26.81 -1.47 1.57
C LEU B 53 -27.73 -0.25 1.29
N ASP B 54 -28.03 0.55 2.30
CA ASP B 54 -28.71 1.84 2.08
C ASP B 54 -27.82 2.75 1.20
N SER B 55 -28.40 3.35 0.16
CA SER B 55 -27.65 4.19 -0.79
C SER B 55 -27.05 5.44 -0.12
N ARG B 56 -25.80 5.77 -0.44
CA ARG B 56 -25.16 7.02 0.00
C ARG B 56 -25.66 8.19 -0.83
N SER B 57 -25.81 9.37 -0.22
CA SER B 57 -26.06 10.61 -0.95
C SER B 57 -24.74 11.27 -1.35
N TRP B 58 -24.31 11.12 -2.61
CA TRP B 58 -23.20 11.90 -3.14
C TRP B 58 -23.63 13.32 -3.44
N THR B 59 -22.94 14.30 -2.89
CA THR B 59 -23.14 15.74 -3.12
C THR B 59 -21.80 16.41 -3.41
N SER B 60 -21.81 17.65 -3.87
CA SER B 60 -20.59 18.43 -4.09
C SER B 60 -19.72 18.58 -2.83
N ALA B 61 -20.30 18.45 -1.63
CA ALA B 61 -19.61 18.50 -0.35
C ALA B 61 -19.00 17.16 0.13
N SER B 62 -19.31 16.02 -0.50
CA SER B 62 -18.93 14.70 -0.01
C SER B 62 -17.41 14.46 -0.05
N SER B 63 -16.84 13.95 1.04
CA SER B 63 -15.41 13.59 1.16
C SER B 63 -15.11 12.12 0.82
N GLY B 64 -16.14 11.28 0.70
CA GLY B 64 -16.03 9.84 0.47
C GLY B 64 -16.63 8.98 1.58
N TRP B 65 -16.59 7.67 1.38
CA TRP B 65 -17.19 6.68 2.25
C TRP B 65 -16.29 5.44 2.33
N TRP B 66 -16.38 4.70 3.43
CA TRP B 66 -15.77 3.38 3.51
C TRP B 66 -16.59 2.41 4.35
N TRP B 67 -16.42 1.14 4.02
CA TRP B 67 -16.97 -0.03 4.71
C TRP B 67 -15.88 -1.05 4.92
N LYS B 68 -15.97 -1.85 5.97
CA LYS B 68 -15.05 -2.95 6.24
C LYS B 68 -15.75 -4.29 6.02
N LEU B 69 -15.05 -5.26 5.45
CA LEU B 69 -15.56 -6.59 5.18
C LEU B 69 -14.74 -7.64 5.93
N PRO B 70 -15.39 -8.60 6.61
CA PRO B 70 -16.82 -8.90 6.55
C PRO B 70 -17.74 -8.01 7.42
N ASP B 71 -17.22 -7.06 8.21
CA ASP B 71 -18.00 -6.29 9.18
C ASP B 71 -19.33 -5.70 8.68
N ALA B 72 -19.35 -5.13 7.47
CA ALA B 72 -20.56 -4.56 6.87
C ALA B 72 -21.70 -5.58 6.65
N LEU B 73 -21.39 -6.87 6.63
CA LEU B 73 -22.34 -7.95 6.47
C LEU B 73 -22.71 -8.68 7.78
N LYS B 74 -22.20 -8.27 8.94
CA LYS B 74 -22.43 -9.03 10.20
C LYS B 74 -23.91 -9.14 10.61
N ASN B 75 -24.74 -8.17 10.21
CA ASN B 75 -26.19 -8.19 10.42
C ASN B 75 -26.98 -8.74 9.22
N MET B 76 -26.33 -9.17 8.15
CA MET B 76 -26.95 -9.51 6.88
C MET B 76 -27.27 -11.00 6.76
N GLY B 77 -28.48 -11.38 7.17
CA GLY B 77 -29.06 -12.70 6.89
C GLY B 77 -28.19 -13.88 7.31
N ILE B 78 -28.18 -14.93 6.48
CA ILE B 78 -27.46 -16.18 6.75
C ILE B 78 -25.95 -15.96 6.90
N PHE B 79 -25.34 -15.12 6.07
CA PHE B 79 -23.91 -14.84 6.19
C PHE B 79 -23.56 -14.15 7.51
N GLY B 80 -24.36 -13.16 7.91
CA GLY B 80 -24.20 -12.48 9.19
C GLY B 80 -24.36 -13.42 10.39
N GLU B 81 -25.34 -14.34 10.35
CA GLU B 81 -25.50 -15.36 11.38
C GLU B 81 -24.30 -16.33 11.40
N ASN B 82 -23.83 -16.80 10.24
CA ASN B 82 -22.65 -17.67 10.16
C ASN B 82 -21.40 -17.03 10.79
N MET B 83 -21.21 -15.71 10.72
CA MET B 83 -20.12 -15.02 11.40
C MET B 83 -20.18 -15.10 12.94
N PHE B 84 -21.36 -15.20 13.55
CA PHE B 84 -21.50 -15.39 14.99
C PHE B 84 -21.53 -16.87 15.40
N TYR B 85 -22.15 -17.73 14.59
CA TYR B 85 -22.34 -19.17 14.87
C TYR B 85 -21.18 -20.07 14.44
N HIS B 86 -20.03 -19.50 14.05
CA HIS B 86 -18.79 -20.24 13.82
C HIS B 86 -17.58 -19.48 14.37
N PHE B 87 -16.56 -20.21 14.82
CA PHE B 87 -15.35 -19.62 15.39
C PHE B 87 -14.46 -18.94 14.34
N LEU B 88 -14.27 -19.60 13.20
CA LEU B 88 -13.45 -19.11 12.09
C LEU B 88 -14.26 -19.09 10.79
N GLY B 89 -13.94 -18.16 9.91
CA GLY B 89 -14.56 -18.03 8.60
C GLY B 89 -13.62 -17.49 7.53
N ARG B 90 -14.13 -17.47 6.30
CA ARG B 90 -13.41 -17.16 5.08
C ARG B 90 -14.42 -16.83 3.98
N SER B 91 -14.25 -15.76 3.22
CA SER B 91 -14.97 -15.58 1.96
C SER B 91 -14.29 -14.59 1.01
N GLY B 92 -14.53 -14.76 -0.28
CA GLY B 92 -14.41 -13.66 -1.24
C GLY B 92 -15.68 -12.81 -1.29
N TYR B 93 -15.72 -11.81 -2.16
CA TYR B 93 -16.87 -10.95 -2.39
C TYR B 93 -17.01 -10.55 -3.86
N THR B 94 -18.24 -10.38 -4.33
CA THR B 94 -18.53 -9.48 -5.45
C THR B 94 -19.06 -8.20 -4.85
N ILE B 95 -18.44 -7.08 -5.14
CA ILE B 95 -18.93 -5.76 -4.81
C ILE B 95 -19.38 -5.12 -6.11
N HIS B 96 -20.64 -4.72 -6.18
CA HIS B 96 -21.18 -3.98 -7.30
C HIS B 96 -21.61 -2.60 -6.80
N VAL B 97 -21.04 -1.54 -7.37
CA VAL B 97 -21.33 -0.16 -7.02
C VAL B 97 -22.04 0.49 -8.19
N GLN B 98 -23.24 1.01 -8.00
CA GLN B 98 -24.01 1.71 -9.03
C GLN B 98 -24.33 3.13 -8.59
N CYS B 99 -24.39 4.05 -9.54
CA CYS B 99 -24.40 5.47 -9.27
C CYS B 99 -25.25 6.18 -10.32
N ASN B 100 -26.58 6.08 -10.23
CA ASN B 100 -27.45 6.59 -11.29
C ASN B 100 -27.54 8.12 -11.34
N SER B 101 -27.43 8.69 -12.53
CA SER B 101 -27.29 10.12 -12.78
C SER B 101 -27.88 10.50 -14.14
N SER B 102 -28.13 11.79 -14.37
CA SER B 102 -28.47 12.28 -15.71
C SER B 102 -27.23 12.44 -16.61
N LYS B 103 -27.44 12.78 -17.89
CA LYS B 103 -26.40 13.25 -18.81
C LYS B 103 -25.82 14.64 -18.45
N PHE B 104 -26.45 15.36 -17.51
CA PHE B 104 -26.12 16.73 -17.13
C PHE B 104 -25.38 16.80 -15.77
N HIS B 105 -25.31 15.71 -15.03
CA HIS B 105 -24.41 15.55 -13.88
C HIS B 105 -22.99 15.24 -14.34
N GLN B 106 -22.01 15.57 -13.51
CA GLN B 106 -20.62 15.18 -13.74
C GLN B 106 -19.89 14.95 -12.41
N GLY B 107 -18.88 14.08 -12.43
CA GLY B 107 -18.13 13.68 -11.25
C GLY B 107 -17.35 12.40 -11.51
N LEU B 108 -16.31 12.16 -10.72
CA LEU B 108 -15.46 10.97 -10.80
C LEU B 108 -15.31 10.35 -9.42
N LEU B 109 -15.71 9.09 -9.25
CA LEU B 109 -15.38 8.29 -8.07
C LEU B 109 -14.22 7.37 -8.40
N ILE B 110 -13.31 7.15 -7.46
CA ILE B 110 -12.56 5.90 -7.41
C ILE B 110 -13.24 4.98 -6.41
N VAL B 111 -13.51 3.76 -6.85
CA VAL B 111 -14.01 2.66 -6.02
C VAL B 111 -12.84 1.69 -5.87
N ALA B 112 -12.32 1.51 -4.66
CA ALA B 112 -11.14 0.69 -4.40
C ALA B 112 -11.39 -0.30 -3.26
N ALA B 113 -10.81 -1.48 -3.33
CA ALA B 113 -10.78 -2.43 -2.23
C ALA B 113 -9.36 -2.54 -1.68
N ILE B 114 -9.19 -2.25 -0.39
CA ILE B 114 -7.88 -2.24 0.26
C ILE B 114 -7.77 -3.45 1.19
N PRO B 115 -6.80 -4.36 1.02
CA PRO B 115 -6.58 -5.45 1.97
C PRO B 115 -5.90 -4.90 3.23
N GLU B 116 -6.27 -5.36 4.42
CA GLU B 116 -5.66 -4.90 5.68
C GLU B 116 -5.58 -3.38 5.80
N HIS B 117 -6.70 -2.67 5.63
CA HIS B 117 -6.75 -1.21 5.73
C HIS B 117 -6.71 -0.75 7.20
N GLN B 118 -5.56 -0.92 7.84
CA GLN B 118 -5.30 -0.52 9.22
C GLN B 118 -5.31 1.02 9.35
N LEU B 119 -6.42 1.56 9.87
CA LEU B 119 -6.65 3.01 9.95
C LEU B 119 -5.69 3.72 10.89
N ALA B 120 -5.24 4.92 10.52
CA ALA B 120 -4.62 5.87 11.43
C ALA B 120 -5.67 6.57 12.29
N SER B 121 -5.33 7.00 13.51
CA SER B 121 -6.20 7.86 14.31
C SER B 121 -6.20 9.33 13.82
N ALA B 122 -7.18 10.11 14.26
CA ALA B 122 -7.25 11.56 14.07
C ALA B 122 -6.42 12.36 15.10
N THR B 123 -5.42 11.73 15.75
CA THR B 123 -4.71 12.24 16.94
C THR B 123 -3.21 11.94 16.90
N SER B 124 -2.40 12.68 17.67
CA SER B 124 -0.93 12.70 17.56
C SER B 124 -0.18 11.61 18.34
N GLY B 125 -0.81 11.00 19.35
CA GLY B 125 -0.19 9.99 20.21
C GLY B 125 0.00 8.62 19.55
N ASN B 126 0.55 7.66 20.30
CA ASN B 126 0.61 6.24 19.93
C ASN B 126 -0.74 5.50 20.12
N VAL B 127 -1.82 6.26 20.36
CA VAL B 127 -3.17 5.74 20.63
C VAL B 127 -3.75 5.04 19.39
N SER B 128 -4.25 3.83 19.59
CA SER B 128 -4.92 3.03 18.56
C SER B 128 -6.33 3.53 18.23
N VAL B 129 -6.81 3.22 17.02
CA VAL B 129 -8.23 3.43 16.68
C VAL B 129 -9.09 2.40 17.45
N GLY B 130 -10.17 2.84 18.08
CA GLY B 130 -11.04 2.00 18.91
C GLY B 130 -11.96 1.07 18.12
N TYR B 131 -12.34 -0.07 18.71
CA TYR B 131 -13.14 -1.12 18.05
C TYR B 131 -14.50 -0.61 17.54
N ASN B 132 -15.19 0.23 18.31
CA ASN B 132 -16.45 0.85 17.91
C ASN B 132 -16.32 1.66 16.60
N HIS B 133 -15.18 2.32 16.38
CA HIS B 133 -14.93 3.12 15.19
C HIS B 133 -14.52 2.28 13.97
N THR B 134 -13.71 1.23 14.15
CA THR B 134 -13.28 0.35 13.05
C THR B 134 -14.32 -0.71 12.65
N HIS B 135 -15.41 -0.87 13.40
CA HIS B 135 -16.50 -1.79 13.08
C HIS B 135 -17.85 -1.07 12.89
N PRO B 136 -18.00 -0.17 11.91
CA PRO B 136 -19.22 0.64 11.74
C PRO B 136 -20.44 -0.12 11.20
N GLY B 137 -20.30 -1.37 10.75
CA GLY B 137 -21.39 -2.18 10.21
C GLY B 137 -21.87 -1.70 8.85
N GLU B 138 -23.10 -2.05 8.50
CA GLU B 138 -23.70 -1.83 7.18
C GLU B 138 -23.80 -0.35 6.77
N GLN B 139 -23.79 0.57 7.75
CA GLN B 139 -23.85 2.01 7.48
C GLN B 139 -22.52 2.58 6.96
N GLY B 140 -21.40 1.89 7.21
CA GLY B 140 -20.06 2.41 6.92
C GLY B 140 -19.74 3.69 7.69
N ARG B 141 -18.68 4.38 7.27
CA ARG B 141 -18.41 5.77 7.69
C ARG B 141 -18.43 6.70 6.50
N GLU B 142 -19.25 7.74 6.62
CA GLU B 142 -19.23 8.90 5.74
C GLU B 142 -18.21 9.90 6.29
N VAL B 143 -17.20 10.24 5.50
CA VAL B 143 -16.08 11.07 5.93
C VAL B 143 -16.50 12.54 6.06
N VAL B 144 -16.14 13.20 7.17
CA VAL B 144 -16.45 14.61 7.42
C VAL B 144 -15.55 15.54 6.60
N ASN B 152 -10.99 10.63 21.02
CA ASN B 152 -9.57 10.67 20.67
C ASN B 152 -9.06 9.38 20.02
N LYS B 153 -9.85 8.29 20.09
CA LYS B 153 -9.62 6.99 19.44
C LYS B 153 -10.34 6.82 18.09
N ARG B 154 -10.85 7.92 17.51
CA ARG B 154 -11.50 7.91 16.19
C ARG B 154 -10.48 7.91 15.02
N PRO B 155 -10.80 7.33 13.86
CA PRO B 155 -9.91 7.28 12.70
C PRO B 155 -9.76 8.63 11.99
N SER B 156 -8.71 8.74 11.17
CA SER B 156 -8.45 9.87 10.29
C SER B 156 -9.63 10.22 9.36
N ASP B 157 -9.82 11.52 9.10
CA ASP B 157 -10.73 12.04 8.07
C ASP B 157 -10.03 12.34 6.72
N ASP B 158 -8.70 12.22 6.65
CA ASP B 158 -7.92 12.61 5.48
C ASP B 158 -8.01 11.58 4.35
N SER B 159 -9.07 11.67 3.53
CA SER B 159 -9.24 10.79 2.37
C SER B 159 -8.11 10.99 1.36
N TRP B 160 -7.57 12.21 1.27
CA TRP B 160 -6.39 12.53 0.47
C TRP B 160 -5.09 11.85 0.99
N LEU B 161 -5.06 11.41 2.26
CA LEU B 161 -4.03 10.54 2.84
C LEU B 161 -4.52 9.08 3.04
N ASN B 162 -5.55 8.63 2.31
CA ASN B 162 -6.12 7.28 2.37
C ASN B 162 -6.46 6.82 3.81
N PHE B 163 -6.68 7.77 4.73
CA PHE B 163 -6.89 7.53 6.16
C PHE B 163 -5.74 6.78 6.86
N ASP B 164 -4.58 6.62 6.21
CA ASP B 164 -3.48 5.75 6.67
C ASP B 164 -2.08 6.35 6.42
N GLY B 165 -2.02 7.61 5.97
CA GLY B 165 -0.76 8.32 5.72
C GLY B 165 -0.16 8.06 4.34
N THR B 166 -0.97 7.71 3.35
CA THR B 166 -0.51 7.46 1.97
C THR B 166 -1.33 8.26 0.96
N LEU B 167 -0.75 8.76 -0.13
CA LEU B 167 -1.45 9.70 -1.02
C LEU B 167 -2.58 9.04 -1.83
N LEU B 168 -3.70 9.77 -1.98
CA LEU B 168 -4.85 9.36 -2.78
C LEU B 168 -4.52 9.11 -4.25
N GLY B 169 -3.60 9.87 -4.84
CA GLY B 169 -3.17 9.63 -6.21
C GLY B 169 -2.55 8.24 -6.43
N ASN B 170 -2.01 7.63 -5.37
CA ASN B 170 -1.44 6.29 -5.42
C ASN B 170 -2.43 5.18 -5.05
N LEU B 171 -3.65 5.50 -4.63
CA LEU B 171 -4.72 4.52 -4.33
C LEU B 171 -4.97 3.49 -5.47
N PRO B 172 -4.83 3.82 -6.77
CA PRO B 172 -4.95 2.85 -7.86
C PRO B 172 -4.01 1.62 -7.81
N ILE B 173 -2.99 1.57 -6.95
CA ILE B 173 -2.21 0.34 -6.74
C ILE B 173 -3.05 -0.81 -6.17
N TYR B 174 -4.11 -0.48 -5.42
CA TYR B 174 -5.10 -1.44 -4.98
C TYR B 174 -6.08 -1.82 -6.11
N PRO B 175 -6.73 -2.99 -6.03
CA PRO B 175 -7.87 -3.32 -6.88
C PRO B 175 -8.90 -2.19 -6.88
N HIS B 176 -9.21 -1.64 -8.04
CA HIS B 176 -10.06 -0.45 -8.17
C HIS B 176 -10.74 -0.38 -9.53
N GLN B 177 -11.79 0.44 -9.60
CA GLN B 177 -12.38 0.95 -10.83
C GLN B 177 -12.80 2.40 -10.63
N TYR B 178 -12.84 3.16 -11.71
CA TYR B 178 -13.42 4.49 -11.73
C TYR B 178 -14.91 4.44 -12.11
N ILE B 179 -15.72 5.29 -11.50
CA ILE B 179 -17.04 5.65 -12.00
C ILE B 179 -16.94 7.09 -12.48
N ASN B 180 -16.92 7.29 -13.80
CA ASN B 180 -16.94 8.62 -14.41
C ASN B 180 -18.34 8.83 -14.97
N LEU B 181 -19.12 9.76 -14.41
CA LEU B 181 -20.57 9.81 -14.65
C LEU B 181 -20.96 9.99 -16.12
N ARG B 182 -20.11 10.57 -16.96
CA ARG B 182 -20.35 10.66 -18.40
C ARG B 182 -20.20 9.33 -19.16
N THR B 183 -19.41 8.41 -18.64
CA THR B 183 -18.97 7.18 -19.32
C THR B 183 -19.70 5.96 -18.77
N ASN B 184 -19.64 5.74 -17.47
CA ASN B 184 -20.16 4.56 -16.80
C ASN B 184 -20.83 4.95 -15.49
N ASN B 185 -22.00 4.40 -15.20
CA ASN B 185 -22.68 4.59 -13.93
C ASN B 185 -22.33 3.51 -12.90
N SER B 186 -21.49 2.52 -13.23
CA SER B 186 -21.19 1.42 -12.30
C SER B 186 -19.76 0.89 -12.34
N ALA B 187 -19.36 0.24 -11.25
CA ALA B 187 -18.11 -0.47 -11.07
C ALA B 187 -18.39 -1.84 -10.42
N THR B 188 -17.62 -2.87 -10.78
CA THR B 188 -17.69 -4.18 -10.12
C THR B 188 -16.29 -4.65 -9.71
N LEU B 189 -16.11 -4.98 -8.43
CA LEU B 189 -14.89 -5.59 -7.91
C LEU B 189 -15.18 -7.03 -7.49
N ILE B 190 -14.39 -7.97 -7.97
CA ILE B 190 -14.40 -9.37 -7.50
C ILE B 190 -13.18 -9.54 -6.61
N LEU B 191 -13.38 -9.83 -5.32
CA LEU B 191 -12.33 -9.92 -4.33
C LEU B 191 -12.16 -11.37 -3.89
N PRO B 192 -10.99 -12.00 -4.08
CA PRO B 192 -10.69 -13.27 -3.44
C PRO B 192 -10.48 -13.07 -1.95
N TYR B 193 -10.52 -14.15 -1.18
CA TYR B 193 -10.08 -14.08 0.21
C TYR B 193 -8.57 -13.81 0.26
N VAL B 194 -8.17 -12.78 1.00
CA VAL B 194 -6.78 -12.34 1.17
C VAL B 194 -6.47 -12.29 2.66
N ASN B 195 -5.61 -13.20 3.11
CA ASN B 195 -5.11 -13.27 4.49
C ASN B 195 -3.83 -14.13 4.51
N ALA B 196 -3.01 -14.02 5.55
CA ALA B 196 -1.84 -14.88 5.76
C ALA B 196 -2.17 -16.19 6.51
N VAL B 197 -3.44 -16.47 6.80
CA VAL B 197 -3.94 -17.72 7.37
C VAL B 197 -5.14 -18.22 6.56
N PRO B 198 -5.39 -19.54 6.46
CA PRO B 198 -6.46 -20.09 5.61
C PRO B 198 -7.86 -19.57 5.99
N MET B 199 -8.13 -19.42 7.28
CA MET B 199 -9.40 -18.94 7.84
C MET B 199 -9.12 -18.12 9.11
N ASP B 200 -10.00 -17.21 9.48
CA ASP B 200 -9.73 -16.27 10.58
C ASP B 200 -11.02 -15.86 11.31
N SER B 201 -10.90 -15.18 12.45
CA SER B 201 -12.06 -14.62 13.15
C SER B 201 -12.72 -13.54 12.30
N MET B 202 -13.96 -13.78 11.87
CA MET B 202 -14.72 -12.83 11.07
C MET B 202 -15.11 -11.56 11.85
N LEU B 203 -15.15 -11.62 13.18
CA LEU B 203 -15.57 -10.50 14.02
C LEU B 203 -14.40 -9.65 14.53
N ARG B 204 -13.21 -10.22 14.78
CA ARG B 204 -12.04 -9.46 15.25
C ARG B 204 -11.23 -8.79 14.13
N HIS B 205 -11.38 -9.25 12.88
CA HIS B 205 -10.48 -8.89 11.79
C HIS B 205 -11.23 -8.70 10.46
N ASN B 206 -10.90 -7.64 9.73
CA ASN B 206 -11.46 -7.35 8.42
C ASN B 206 -10.44 -7.58 7.32
N ASN B 207 -10.76 -8.45 6.36
CA ASN B 207 -9.84 -8.79 5.27
C ASN B 207 -9.70 -7.62 4.28
N TRP B 208 -10.82 -6.96 3.97
CA TRP B 208 -10.92 -5.92 2.96
C TRP B 208 -11.63 -4.68 3.51
N SER B 209 -11.26 -3.50 3.03
CA SER B 209 -12.09 -2.30 3.12
C SER B 209 -12.51 -1.83 1.74
N LEU B 210 -13.79 -1.63 1.52
CA LEU B 210 -14.32 -0.92 0.37
C LEU B 210 -14.19 0.58 0.64
N VAL B 211 -13.50 1.29 -0.23
CA VAL B 211 -13.32 2.75 -0.16
C VAL B 211 -13.90 3.38 -1.42
N ILE B 212 -14.80 4.35 -1.29
CA ILE B 212 -15.35 5.12 -2.41
C ILE B 212 -15.01 6.59 -2.17
N ILE B 213 -14.20 7.21 -3.03
CA ILE B 213 -13.76 8.60 -2.87
C ILE B 213 -14.05 9.39 -4.15
N PRO B 214 -14.71 10.56 -4.07
CA PRO B 214 -14.83 11.46 -5.21
C PRO B 214 -13.51 12.16 -5.50
N ILE B 215 -12.90 11.85 -6.64
CA ILE B 215 -11.72 12.53 -7.16
C ILE B 215 -12.12 13.88 -7.75
N CYS B 216 -13.09 13.89 -8.67
CA CYS B 216 -13.72 15.09 -9.16
C CYS B 216 -15.08 15.21 -8.47
N PRO B 217 -15.36 16.28 -7.71
CA PRO B 217 -16.58 16.39 -6.93
C PRO B 217 -17.80 16.47 -7.85
N LEU B 218 -18.95 16.07 -7.33
CA LEU B 218 -20.19 16.17 -8.08
C LEU B 218 -20.46 17.63 -8.46
N GLN B 219 -20.79 17.89 -9.73
CA GLN B 219 -21.38 19.14 -10.16
C GLN B 219 -22.65 18.88 -10.96
N VAL B 220 -23.65 19.70 -10.71
CA VAL B 220 -24.89 19.81 -11.48
C VAL B 220 -25.44 21.22 -11.29
N GLN B 221 -26.12 21.78 -12.30
CA GLN B 221 -26.76 23.09 -12.17
C GLN B 221 -28.04 23.01 -11.33
N PRO B 222 -28.45 24.10 -10.64
CA PRO B 222 -29.70 24.16 -9.90
C PRO B 222 -30.92 23.71 -10.73
N GLY B 223 -31.88 23.06 -10.09
CA GLY B 223 -33.01 22.40 -10.75
C GLY B 223 -32.74 20.97 -11.19
N GLY B 224 -31.48 20.58 -11.36
CA GLY B 224 -31.07 19.17 -11.34
C GLY B 224 -31.09 18.60 -9.92
N THR B 225 -31.11 17.28 -9.78
CA THR B 225 -31.08 16.64 -8.45
C THR B 225 -29.71 16.83 -7.81
N GLN B 226 -29.63 17.50 -6.66
CA GLN B 226 -28.36 17.90 -6.04
C GLN B 226 -27.61 16.75 -5.33
N SER B 227 -28.32 15.68 -4.97
CA SER B 227 -27.74 14.43 -4.44
C SER B 227 -27.93 13.31 -5.44
N ILE B 228 -26.88 12.57 -5.80
CA ILE B 228 -27.04 11.34 -6.57
C ILE B 228 -26.75 10.11 -5.72
N PRO B 229 -27.57 9.04 -5.83
CA PRO B 229 -27.42 7.87 -4.98
C PRO B 229 -26.24 7.02 -5.41
N ILE B 230 -25.37 6.62 -4.49
CA ILE B 230 -24.43 5.53 -4.70
C ILE B 230 -24.98 4.30 -3.98
N THR B 231 -25.27 3.25 -4.74
CA THR B 231 -25.85 2.00 -4.25
C THR B 231 -24.79 0.92 -4.27
N VAL B 232 -24.50 0.35 -3.11
CA VAL B 232 -23.50 -0.71 -2.96
C VAL B 232 -24.20 -2.03 -2.71
N SER B 233 -23.97 -3.03 -3.56
CA SER B 233 -24.46 -4.40 -3.39
C SER B 233 -23.28 -5.35 -3.21
N ILE B 234 -23.26 -6.09 -2.11
CA ILE B 234 -22.17 -7.01 -1.78
C ILE B 234 -22.70 -8.42 -1.71
N SER B 235 -22.13 -9.34 -2.46
CA SER B 235 -22.37 -10.77 -2.33
C SER B 235 -21.13 -11.46 -1.78
N PRO B 236 -21.19 -12.19 -0.67
CA PRO B 236 -20.20 -13.22 -0.36
C PRO B 236 -20.02 -14.18 -1.53
N MET B 237 -18.80 -14.68 -1.72
CA MET B 237 -18.46 -15.69 -2.71
C MET B 237 -17.59 -16.77 -2.06
N PHE B 238 -17.85 -18.04 -2.38
CA PHE B 238 -17.10 -19.17 -1.83
C PHE B 238 -16.88 -19.07 -0.31
N SER B 239 -17.93 -18.68 0.42
CA SER B 239 -17.85 -18.55 1.87
C SER B 239 -17.69 -19.92 2.54
N GLU B 240 -16.80 -20.01 3.54
CA GLU B 240 -16.49 -21.22 4.29
C GLU B 240 -16.36 -20.86 5.77
N PHE B 241 -16.82 -21.75 6.64
CA PHE B 241 -16.80 -21.55 8.08
C PHE B 241 -16.40 -22.85 8.80
N SER B 242 -15.84 -22.73 10.00
CA SER B 242 -15.46 -23.89 10.82
C SER B 242 -15.59 -23.61 12.31
N GLY B 243 -15.79 -24.67 13.10
CA GLY B 243 -16.18 -24.59 14.50
C GLY B 243 -17.65 -24.15 14.70
N PRO B 244 -18.64 -24.87 14.12
CA PRO B 244 -20.06 -24.53 14.26
C PRO B 244 -20.57 -24.68 15.70
N ARG B 245 -21.46 -23.78 16.11
CA ARG B 245 -22.14 -23.80 17.42
C ARG B 245 -23.59 -23.31 17.32
N SER B 246 -24.45 -23.84 18.17
CA SER B 246 -25.88 -23.49 18.24
C SER B 246 -26.17 -22.29 19.15
N PRO C 1 46.17 -27.58 3.91
CA PRO C 1 47.05 -26.48 3.60
C PRO C 1 46.30 -25.37 2.88
N VAL C 2 46.11 -24.26 3.57
CA VAL C 2 45.29 -23.13 3.12
C VAL C 2 45.98 -21.81 3.46
N MET C 3 45.65 -20.77 2.69
CA MET C 3 46.03 -19.38 2.96
C MET C 3 44.76 -18.53 3.01
N LEU C 4 44.63 -17.64 3.98
CA LEU C 4 43.36 -16.97 4.26
C LEU C 4 42.96 -15.91 3.22
N THR C 5 43.90 -15.19 2.62
CA THR C 5 43.69 -14.06 1.69
C THR C 5 43.14 -12.78 2.36
N PRO C 6 43.43 -11.57 1.82
CA PRO C 6 43.09 -10.28 2.44
C PRO C 6 41.61 -10.01 2.77
N GLY C 7 40.65 -10.69 2.15
CA GLY C 7 39.24 -10.54 2.52
C GLY C 7 38.81 -11.29 3.79
N SER C 8 39.64 -12.18 4.33
CA SER C 8 39.23 -13.14 5.38
C SER C 8 38.78 -12.47 6.68
N GLY C 9 37.64 -12.93 7.21
CA GLY C 9 37.08 -12.45 8.47
C GLY C 9 36.39 -11.08 8.40
N GLN C 10 36.31 -10.44 7.23
CA GLN C 10 35.50 -9.23 7.03
C GLN C 10 34.03 -9.49 7.32
N PHE C 11 33.35 -8.49 7.87
CA PHE C 11 31.91 -8.34 7.65
C PHE C 11 31.70 -7.29 6.56
N LEU C 12 31.64 -7.74 5.31
CA LEU C 12 31.13 -6.96 4.19
C LEU C 12 29.60 -7.00 4.24
N THR C 13 28.92 -5.86 4.44
CA THR C 13 27.46 -5.84 4.64
C THR C 13 26.66 -6.33 3.43
N THR C 14 27.24 -6.31 2.23
CA THR C 14 26.64 -6.82 1.00
C THR C 14 27.03 -8.27 0.66
N ASP C 15 27.68 -9.01 1.57
CA ASP C 15 28.05 -10.41 1.33
C ASP C 15 26.84 -11.36 1.20
N ASP C 16 27.09 -12.55 0.66
CA ASP C 16 26.08 -13.56 0.32
C ASP C 16 26.57 -14.98 0.66
N THR C 17 27.18 -15.16 1.83
CA THR C 17 27.62 -16.49 2.29
C THR C 17 26.45 -17.28 2.87
N GLN C 18 26.59 -18.61 2.95
CA GLN C 18 25.74 -19.40 3.84
C GLN C 18 26.01 -19.05 5.31
N SER C 19 25.07 -19.37 6.19
CA SER C 19 25.23 -19.25 7.64
C SER C 19 24.40 -20.31 8.36
N PRO C 20 24.73 -20.68 9.61
CA PRO C 20 24.03 -21.75 10.29
C PRO C 20 22.62 -21.34 10.66
N SER C 21 21.66 -22.25 10.48
CA SER C 21 20.33 -22.08 11.08
C SER C 21 20.43 -22.13 12.59
N ALA C 22 19.86 -21.13 13.26
CA ALA C 22 19.76 -21.10 14.71
C ALA C 22 18.83 -22.20 15.25
N PHE C 23 17.91 -22.70 14.43
CA PHE C 23 16.87 -23.66 14.83
C PHE C 23 16.73 -24.76 13.77
N PRO C 24 17.65 -25.73 13.71
CA PRO C 24 17.36 -27.00 13.04
C PRO C 24 16.25 -27.73 13.80
N TYR C 25 15.69 -28.79 13.23
CA TYR C 25 14.47 -29.48 13.70
C TYR C 25 13.18 -28.67 13.60
N PHE C 26 13.21 -27.34 13.73
CA PHE C 26 12.05 -26.49 13.48
C PHE C 26 11.67 -26.48 12.00
N HIS C 27 10.42 -26.79 11.70
CA HIS C 27 9.86 -26.67 10.35
C HIS C 27 8.94 -25.44 10.32
N PRO C 28 9.23 -24.41 9.51
CA PRO C 28 8.38 -23.23 9.36
C PRO C 28 6.95 -23.58 8.95
N THR C 29 6.00 -22.73 9.35
CA THR C 29 4.59 -22.82 8.89
C THR C 29 4.53 -22.90 7.37
N LYS C 30 3.74 -23.83 6.84
CA LYS C 30 3.54 -24.05 5.40
C LYS C 30 3.14 -22.76 4.68
N GLU C 31 3.75 -22.51 3.53
CA GLU C 31 3.41 -21.37 2.68
C GLU C 31 2.10 -21.66 1.91
N ILE C 32 0.98 -21.09 2.37
CA ILE C 32 -0.28 -21.12 1.63
C ILE C 32 -0.26 -20.16 0.45
N PHE C 33 -1.14 -20.37 -0.51
CA PHE C 33 -1.37 -19.38 -1.57
C PHE C 33 -2.01 -18.10 -1.02
N ILE C 34 -1.40 -16.95 -1.28
CA ILE C 34 -1.96 -15.62 -1.01
C ILE C 34 -2.06 -14.89 -2.36
N PRO C 35 -3.21 -14.33 -2.75
CA PRO C 35 -3.33 -13.53 -3.97
C PRO C 35 -2.36 -12.34 -4.02
N GLY C 36 -1.99 -11.88 -5.21
CA GLY C 36 -1.26 -10.63 -5.38
C GLY C 36 0.21 -10.68 -4.96
N GLN C 37 0.91 -11.80 -5.17
CA GLN C 37 2.35 -11.84 -4.96
C GLN C 37 3.07 -10.87 -5.89
N VAL C 38 4.04 -10.13 -5.37
CA VAL C 38 4.94 -9.26 -6.16
C VAL C 38 6.31 -9.92 -6.23
N ARG C 39 6.86 -10.07 -7.42
CA ARG C 39 8.21 -10.65 -7.63
C ARG C 39 9.21 -9.56 -8.03
N ASN C 40 8.75 -8.52 -8.69
CA ASN C 40 9.57 -7.39 -9.15
C ASN C 40 8.84 -6.06 -8.97
N LEU C 41 9.50 -5.00 -8.52
CA LEU C 41 8.88 -3.67 -8.40
C LEU C 41 8.39 -3.10 -9.74
N ILE C 42 8.95 -3.52 -10.88
CA ILE C 42 8.49 -3.05 -12.19
C ILE C 42 7.02 -3.45 -12.45
N GLU C 43 6.49 -4.48 -11.79
CA GLU C 43 5.05 -4.77 -11.79
C GLU C 43 4.21 -3.63 -11.19
N MET C 44 4.71 -3.00 -10.12
CA MET C 44 4.07 -1.87 -9.47
C MET C 44 4.21 -0.60 -10.29
N CYS C 45 5.37 -0.35 -10.92
CA CYS C 45 5.58 0.81 -11.80
C CYS C 45 4.59 0.85 -12.98
N GLN C 46 4.11 -0.30 -13.45
CA GLN C 46 3.17 -0.41 -14.57
C GLN C 46 1.72 -0.01 -14.25
N VAL C 47 1.38 0.27 -12.99
CA VAL C 47 0.05 0.73 -12.60
C VAL C 47 -0.11 2.24 -12.82
N ASP C 48 -1.21 2.66 -13.44
CA ASP C 48 -1.54 4.09 -13.59
C ASP C 48 -1.87 4.73 -12.24
N THR C 49 -1.14 5.77 -11.84
CA THR C 49 -1.41 6.55 -10.62
C THR C 49 -1.58 8.03 -10.96
N LEU C 50 -2.39 8.74 -10.18
CA LEU C 50 -2.75 10.13 -10.49
C LEU C 50 -1.57 11.07 -10.27
N ILE C 51 -1.37 12.00 -11.20
CA ILE C 51 -0.36 13.04 -11.10
C ILE C 51 -0.94 14.22 -10.32
N PRO C 52 -0.30 14.74 -9.26
CA PRO C 52 -0.76 15.93 -8.56
C PRO C 52 -0.41 17.21 -9.35
N VAL C 53 -1.00 17.37 -10.53
CA VAL C 53 -0.67 18.46 -11.47
C VAL C 53 -0.95 19.84 -10.87
N ASN C 54 -2.05 19.96 -10.12
CA ASN C 54 -2.54 21.21 -9.56
C ASN C 54 -1.85 21.54 -8.22
N ASN C 55 -0.52 21.60 -8.22
CA ASN C 55 0.29 21.99 -7.07
C ASN C 55 0.22 23.51 -6.83
N THR C 56 -0.76 23.94 -6.03
CA THR C 56 -0.86 25.29 -5.47
C THR C 56 -1.15 25.22 -3.97
N GLN C 57 -0.77 26.25 -3.22
CA GLN C 57 -0.79 26.20 -1.75
C GLN C 57 -2.21 26.00 -1.16
N GLU C 58 -3.26 26.37 -1.88
CA GLU C 58 -4.65 26.09 -1.50
C GLU C 58 -5.07 24.61 -1.69
N ASN C 59 -4.46 23.89 -2.63
CA ASN C 59 -4.88 22.56 -3.04
C ASN C 59 -4.04 21.40 -2.47
N VAL C 60 -2.75 21.60 -2.15
CA VAL C 60 -1.80 20.53 -1.77
C VAL C 60 -2.13 19.74 -0.48
N ARG C 61 -3.06 20.22 0.35
CA ARG C 61 -3.56 19.51 1.55
C ARG C 61 -4.85 18.72 1.28
N SER C 62 -5.16 18.40 0.03
CA SER C 62 -6.50 17.95 -0.38
C SER C 62 -6.52 17.15 -1.69
N VAL C 63 -7.67 16.52 -1.97
CA VAL C 63 -7.98 15.83 -3.24
C VAL C 63 -7.82 16.73 -4.49
N ASN C 64 -8.00 18.05 -4.34
CA ASN C 64 -7.94 19.02 -5.43
C ASN C 64 -6.56 19.11 -6.13
N MET C 65 -5.47 18.62 -5.53
CA MET C 65 -4.17 18.61 -6.20
C MET C 65 -4.14 17.75 -7.48
N TYR C 66 -5.04 16.78 -7.63
CA TYR C 66 -5.08 15.85 -8.77
C TYR C 66 -5.93 16.32 -9.95
N THR C 67 -6.76 17.35 -9.78
CA THR C 67 -7.73 17.76 -10.80
C THR C 67 -7.35 19.07 -11.45
N VAL C 68 -7.28 19.09 -12.78
CA VAL C 68 -7.06 20.30 -13.58
C VAL C 68 -8.39 20.88 -14.00
N ASP C 69 -8.64 22.17 -13.73
CA ASP C 69 -9.87 22.85 -14.16
C ASP C 69 -9.87 23.18 -15.66
N LEU C 70 -10.98 22.86 -16.32
CA LEU C 70 -11.33 23.25 -17.69
C LEU C 70 -12.59 24.11 -17.62
N ARG C 71 -12.66 25.28 -18.26
CA ARG C 71 -13.82 26.16 -18.09
C ARG C 71 -14.11 27.09 -19.27
N THR C 72 -15.35 27.59 -19.35
CA THR C 72 -15.76 28.64 -20.29
C THR C 72 -15.09 29.99 -19.97
N GLN C 73 -15.07 30.38 -18.69
CA GLN C 73 -14.51 31.65 -18.22
C GLN C 73 -12.99 31.56 -18.03
N VAL C 74 -12.23 31.64 -19.13
CA VAL C 74 -10.77 31.48 -19.13
C VAL C 74 -10.11 32.30 -20.25
N ASP C 75 -8.82 32.61 -20.10
CA ASP C 75 -7.98 33.07 -21.21
C ASP C 75 -7.53 31.86 -22.06
N LEU C 76 -8.19 31.63 -23.19
CA LEU C 76 -7.94 30.48 -24.06
C LEU C 76 -6.53 30.46 -24.69
N ALA C 77 -5.74 31.53 -24.61
CA ALA C 77 -4.37 31.55 -25.10
C ALA C 77 -3.35 30.90 -24.13
N LYS C 78 -3.66 30.79 -22.85
CA LYS C 78 -2.77 30.25 -21.81
C LYS C 78 -2.73 28.72 -21.82
N GLU C 79 -1.63 28.13 -21.35
CA GLU C 79 -1.57 26.68 -21.13
C GLU C 79 -2.65 26.25 -20.12
N VAL C 80 -3.26 25.09 -20.35
CA VAL C 80 -4.14 24.44 -19.38
C VAL C 80 -3.31 23.86 -18.24
N PHE C 81 -2.26 23.11 -18.58
CA PHE C 81 -1.26 22.58 -17.67
C PHE C 81 0.04 22.30 -18.41
N SER C 82 1.13 22.12 -17.66
CA SER C 82 2.33 21.44 -18.15
C SER C 82 2.95 20.53 -17.10
N ILE C 83 3.48 19.40 -17.57
CA ILE C 83 4.14 18.37 -16.78
C ILE C 83 5.56 18.20 -17.34
N PRO C 84 6.62 18.52 -16.60
CA PRO C 84 7.97 18.04 -16.91
C PRO C 84 7.99 16.51 -16.87
N VAL C 85 8.55 15.85 -17.87
CA VAL C 85 8.52 14.37 -17.98
C VAL C 85 9.54 13.67 -17.07
N ASP C 86 10.48 14.40 -16.47
CA ASP C 86 11.41 13.83 -15.49
C ASP C 86 10.70 13.39 -14.19
N ILE C 87 10.65 12.08 -13.92
CA ILE C 87 10.10 11.52 -12.67
C ILE C 87 10.86 11.92 -11.40
N ALA C 88 12.00 12.60 -11.55
CA ALA C 88 12.81 13.16 -10.47
C ALA C 88 12.19 14.38 -9.75
N SER C 89 11.22 15.07 -10.37
CA SER C 89 10.75 16.40 -9.90
C SER C 89 9.23 16.50 -9.86
N GLN C 90 8.71 17.55 -9.23
CA GLN C 90 7.27 17.82 -9.18
C GLN C 90 6.71 18.07 -10.60
N PRO C 91 5.50 17.56 -10.92
CA PRO C 91 4.58 16.83 -10.05
C PRO C 91 4.81 15.31 -9.98
N LEU C 92 5.67 14.74 -10.83
CA LEU C 92 5.79 13.28 -10.95
C LEU C 92 6.44 12.60 -9.74
N ALA C 93 7.24 13.31 -8.95
CA ALA C 93 8.02 12.73 -7.85
C ALA C 93 7.21 11.95 -6.81
N THR C 94 5.99 12.36 -6.47
CA THR C 94 5.15 11.66 -5.46
C THR C 94 4.18 10.63 -6.04
N THR C 95 4.13 10.46 -7.36
CA THR C 95 3.42 9.35 -8.00
C THR C 95 4.10 8.02 -7.65
N LEU C 96 3.42 6.89 -7.79
CA LEU C 96 4.03 5.59 -7.45
C LEU C 96 5.31 5.33 -8.25
N ILE C 97 5.36 5.69 -9.52
CA ILE C 97 6.57 5.54 -10.33
C ILE C 97 7.69 6.50 -9.90
N GLY C 98 7.38 7.75 -9.56
CA GLY C 98 8.36 8.69 -9.02
C GLY C 98 8.91 8.23 -7.65
N GLU C 99 8.05 7.70 -6.80
CA GLU C 99 8.42 7.15 -5.51
C GLU C 99 9.31 5.90 -5.64
N LEU C 100 8.93 4.92 -6.47
CA LEU C 100 9.75 3.74 -6.71
C LEU C 100 11.09 4.11 -7.37
N ALA C 101 11.11 5.04 -8.33
CA ALA C 101 12.35 5.53 -8.91
C ALA C 101 13.24 6.26 -7.90
N SER C 102 12.70 6.90 -6.86
CA SER C 102 13.50 7.54 -5.82
C SER C 102 14.34 6.57 -4.97
N TYR C 103 14.05 5.27 -4.98
CA TYR C 103 14.89 4.22 -4.37
C TYR C 103 16.06 3.78 -5.24
N TYR C 104 16.22 4.35 -6.44
CA TYR C 104 17.23 3.97 -7.41
C TYR C 104 17.94 5.22 -7.91
N THR C 105 19.15 5.05 -8.43
CA THR C 105 19.97 6.17 -8.91
C THR C 105 19.68 6.43 -10.37
N HIS C 106 19.38 5.40 -11.14
CA HIS C 106 19.28 5.42 -12.59
C HIS C 106 17.94 4.85 -13.05
N TRP C 107 17.33 5.44 -14.08
CA TRP C 107 16.11 4.91 -14.71
C TRP C 107 16.19 4.97 -16.23
N THR C 108 15.40 4.14 -16.90
CA THR C 108 15.27 4.06 -18.36
C THR C 108 13.95 3.43 -18.78
N GLY C 109 13.54 3.63 -20.04
CA GLY C 109 12.33 3.06 -20.64
C GLY C 109 11.22 4.09 -20.86
N SER C 110 10.08 3.61 -21.33
CA SER C 110 8.97 4.46 -21.78
C SER C 110 7.96 4.75 -20.66
N LEU C 111 7.44 5.96 -20.64
CA LEU C 111 6.37 6.38 -19.73
C LEU C 111 5.07 6.55 -20.48
N ARG C 112 3.98 5.98 -19.96
CA ARG C 112 2.62 6.16 -20.45
C ARG C 112 1.94 7.23 -19.60
N PHE C 113 1.50 8.30 -20.23
CA PHE C 113 0.67 9.32 -19.64
C PHE C 113 -0.76 9.16 -20.14
N SER C 114 -1.74 9.22 -19.26
CA SER C 114 -3.15 9.13 -19.62
C SER C 114 -3.93 10.31 -19.03
N PHE C 115 -4.94 10.76 -19.75
CA PHE C 115 -5.77 11.90 -19.39
C PHE C 115 -7.22 11.47 -19.46
N MET C 116 -7.99 11.76 -18.42
CA MET C 116 -9.41 11.42 -18.34
C MET C 116 -10.23 12.69 -18.12
N PHE C 117 -11.19 12.93 -18.98
CA PHE C 117 -12.09 14.07 -18.88
C PHE C 117 -13.33 13.70 -18.04
N CYS C 118 -13.66 14.54 -17.06
CA CYS C 118 -14.72 14.27 -16.09
C CYS C 118 -15.88 15.26 -16.15
N GLY C 119 -16.04 15.98 -17.27
CA GLY C 119 -17.23 16.81 -17.51
C GLY C 119 -18.46 15.96 -17.80
N SER C 120 -19.63 16.58 -17.94
CA SER C 120 -20.88 15.85 -18.19
C SER C 120 -20.88 15.15 -19.56
N ALA C 121 -21.83 14.23 -19.80
CA ALA C 121 -22.04 13.65 -21.12
C ALA C 121 -22.50 14.71 -22.16
N SER C 122 -23.09 15.81 -21.71
CA SER C 122 -23.48 16.95 -22.55
C SER C 122 -22.36 17.97 -22.80
N SER C 123 -21.22 17.89 -22.11
CA SER C 123 -20.08 18.81 -22.26
C SER C 123 -19.16 18.38 -23.41
N THR C 124 -18.75 19.31 -24.27
CA THR C 124 -17.79 19.05 -25.36
C THR C 124 -16.76 20.17 -25.47
N LEU C 125 -15.59 19.81 -25.98
CA LEU C 125 -14.37 20.63 -25.95
C LEU C 125 -13.30 19.90 -26.78
N LYS C 126 -12.42 20.62 -27.47
CA LYS C 126 -11.16 20.06 -27.96
C LYS C 126 -9.98 20.62 -27.16
N LEU C 127 -9.10 19.72 -26.73
CA LEU C 127 -7.82 20.03 -26.13
C LEU C 127 -6.70 19.59 -27.06
N LEU C 128 -5.63 20.36 -27.12
CA LEU C 128 -4.41 19.95 -27.81
C LEU C 128 -3.39 19.54 -26.76
N ILE C 129 -3.02 18.26 -26.76
CA ILE C 129 -2.00 17.69 -25.88
C ILE C 129 -0.73 17.59 -26.70
N ALA C 130 0.35 18.25 -26.29
CA ALA C 130 1.61 18.27 -27.02
C ALA C 130 2.76 17.73 -26.18
N TYR C 131 3.63 16.93 -26.81
CA TYR C 131 4.92 16.54 -26.25
C TYR C 131 6.04 17.35 -26.89
N THR C 132 6.86 17.98 -26.07
CA THR C 132 8.06 18.70 -26.50
C THR C 132 9.30 17.91 -26.05
N PRO C 133 10.19 17.49 -26.97
CA PRO C 133 11.40 16.77 -26.63
C PRO C 133 12.34 17.54 -25.67
N PRO C 134 13.26 16.85 -24.98
CA PRO C 134 14.23 17.51 -24.13
C PRO C 134 15.13 18.48 -24.90
N GLY C 135 15.48 19.60 -24.27
CA GLY C 135 16.30 20.67 -24.83
C GLY C 135 15.60 21.63 -25.80
N VAL C 136 14.39 21.32 -26.28
CA VAL C 136 13.66 22.16 -27.25
C VAL C 136 13.04 23.41 -26.61
N GLY C 137 12.66 23.33 -25.32
CA GLY C 137 12.01 24.41 -24.60
C GLY C 137 10.48 24.41 -24.76
N LYS C 138 9.77 24.52 -23.63
CA LYS C 138 8.31 24.48 -23.49
C LYS C 138 7.60 25.44 -24.46
N PRO C 139 6.56 25.02 -25.22
CA PRO C 139 5.81 25.89 -26.14
C PRO C 139 5.19 27.09 -25.42
N LYS C 140 5.19 28.26 -26.07
CA LYS C 140 4.57 29.48 -25.54
C LYS C 140 3.12 29.66 -25.99
N SER C 141 2.65 28.88 -26.98
CA SER C 141 1.31 29.02 -27.54
C SER C 141 0.77 27.71 -28.12
N ARG C 142 -0.54 27.67 -28.31
CA ARG C 142 -1.25 26.57 -28.97
C ARG C 142 -0.75 26.32 -30.40
N ARG C 143 -0.40 27.36 -31.16
CA ARG C 143 0.18 27.20 -32.51
C ARG C 143 1.54 26.52 -32.46
N GLU C 144 2.43 26.95 -31.57
CA GLU C 144 3.74 26.34 -31.41
C GLU C 144 3.64 24.87 -30.97
N ALA C 145 2.73 24.56 -30.05
CA ALA C 145 2.44 23.20 -29.64
C ALA C 145 1.90 22.32 -30.79
N MET C 146 1.01 22.86 -31.63
CA MET C 146 0.49 22.20 -32.83
C MET C 146 1.58 21.88 -33.87
N LEU C 147 2.62 22.71 -34.01
CA LEU C 147 3.74 22.41 -34.90
C LEU C 147 4.64 21.25 -34.42
N GLY C 148 4.56 20.87 -33.14
CA GLY C 148 5.28 19.72 -32.56
C GLY C 148 4.48 18.41 -32.58
N THR C 149 4.98 17.38 -31.91
CA THR C 149 4.23 16.14 -31.65
C THR C 149 3.02 16.43 -30.77
N HIS C 150 1.81 16.14 -31.25
CA HIS C 150 0.59 16.43 -30.51
C HIS C 150 -0.58 15.53 -30.91
N LEU C 151 -1.59 15.50 -30.04
CA LEU C 151 -2.92 14.98 -30.26
C LEU C 151 -3.94 16.12 -30.12
N VAL C 152 -4.81 16.31 -31.10
CA VAL C 152 -6.05 17.09 -30.91
C VAL C 152 -7.12 16.14 -30.39
N TRP C 153 -7.44 16.25 -29.11
CA TRP C 153 -8.33 15.37 -28.38
C TRP C 153 -9.72 16.00 -28.24
N ASP C 154 -10.73 15.40 -28.87
CA ASP C 154 -12.13 15.77 -28.65
C ASP C 154 -12.69 14.99 -27.46
N VAL C 155 -12.83 15.67 -26.31
CA VAL C 155 -13.29 15.04 -25.07
C VAL C 155 -14.77 14.65 -25.14
N GLY C 156 -15.53 15.23 -26.06
CA GLY C 156 -16.91 14.84 -26.32
C GLY C 156 -16.98 13.43 -26.91
N LEU C 157 -16.15 13.15 -27.90
CA LEU C 157 -16.06 11.83 -28.55
C LEU C 157 -15.34 10.80 -27.69
N GLN C 158 -14.20 11.14 -27.08
CA GLN C 158 -13.35 10.21 -26.34
C GLN C 158 -13.12 10.72 -24.91
N SER C 159 -13.60 10.01 -23.87
CA SER C 159 -13.41 10.46 -22.48
C SER C 159 -11.98 10.28 -21.97
N THR C 160 -11.14 9.50 -22.65
CA THR C 160 -9.74 9.22 -22.27
C THR C 160 -8.80 9.41 -23.46
N ALA C 161 -7.63 9.97 -23.23
CA ALA C 161 -6.52 10.01 -24.19
C ALA C 161 -5.23 9.53 -23.54
N SER C 162 -4.28 9.01 -24.33
CA SER C 162 -2.98 8.58 -23.84
C SER C 162 -1.84 8.98 -24.77
N LEU C 163 -0.66 9.16 -24.18
CA LEU C 163 0.61 9.49 -24.82
C LEU C 163 1.68 8.58 -24.23
N VAL C 164 2.47 7.90 -25.07
CA VAL C 164 3.64 7.15 -24.60
C VAL C 164 4.88 7.93 -25.00
N VAL C 165 5.66 8.36 -24.01
CA VAL C 165 6.94 9.04 -24.22
C VAL C 165 8.04 7.98 -24.19
N PRO C 166 8.70 7.67 -25.31
CA PRO C 166 9.75 6.66 -25.37
C PRO C 166 11.04 7.18 -24.74
N TRP C 167 11.98 6.29 -24.46
CA TRP C 167 13.28 6.69 -23.91
C TRP C 167 14.13 7.45 -24.94
N VAL C 168 14.56 8.66 -24.59
CA VAL C 168 15.39 9.54 -25.44
C VAL C 168 16.47 10.26 -24.61
N SER C 169 17.62 9.59 -24.45
CA SER C 169 18.85 10.18 -23.90
C SER C 169 20.10 9.50 -24.47
N ALA C 170 21.26 10.17 -24.42
CA ALA C 170 22.52 9.71 -25.02
C ALA C 170 23.04 8.41 -24.37
N SER C 171 22.93 8.32 -23.04
CA SER C 171 23.21 7.12 -22.25
C SER C 171 21.96 6.24 -22.12
N HIS C 172 22.15 4.93 -21.93
CA HIS C 172 21.03 3.97 -21.78
C HIS C 172 20.22 4.19 -20.49
N PHE C 173 20.75 4.95 -19.53
CA PHE C 173 20.07 5.39 -18.31
C PHE C 173 20.31 6.89 -18.07
N ARG C 174 19.50 7.52 -17.22
CA ARG C 174 19.75 8.88 -16.66
C ARG C 174 19.47 8.90 -15.16
N PHE C 175 20.11 9.81 -14.43
CA PHE C 175 19.97 9.95 -12.97
C PHE C 175 18.56 10.38 -12.52
N THR C 176 18.13 9.88 -11.34
CA THR C 176 16.81 10.15 -10.71
C THR C 176 16.76 11.44 -9.87
N THR C 177 17.79 12.29 -9.90
CA THR C 177 17.83 13.62 -9.25
C THR C 177 18.66 14.62 -10.06
N SER C 183 17.08 16.82 -19.26
CA SER C 183 15.62 16.71 -19.16
C SER C 183 15.07 15.49 -19.90
N ALA C 184 13.79 15.19 -19.73
CA ALA C 184 13.00 14.26 -20.55
C ALA C 184 11.93 14.95 -21.43
N GLY C 185 11.86 16.28 -21.40
CA GLY C 185 10.89 17.07 -22.15
C GLY C 185 9.67 17.50 -21.33
N TYR C 186 8.66 18.04 -22.01
CA TYR C 186 7.43 18.54 -21.41
C TYR C 186 6.19 17.97 -22.10
N ILE C 187 5.17 17.67 -21.32
CA ILE C 187 3.80 17.54 -21.84
C ILE C 187 3.09 18.83 -21.51
N THR C 188 2.43 19.42 -22.50
CA THR C 188 1.64 20.65 -22.34
C THR C 188 0.25 20.45 -22.91
N CYS C 189 -0.73 21.10 -22.31
CA CYS C 189 -2.12 21.04 -22.75
C CYS C 189 -2.64 22.44 -23.06
N TRP C 190 -3.43 22.58 -24.11
CA TRP C 190 -3.93 23.85 -24.63
C TRP C 190 -5.39 23.72 -25.03
N TYR C 191 -6.16 24.79 -24.89
CA TYR C 191 -7.49 24.84 -25.50
C TYR C 191 -7.37 24.92 -27.02
N GLN C 192 -7.97 23.96 -27.73
CA GLN C 192 -8.20 24.07 -29.18
C GLN C 192 -9.52 24.80 -29.47
N THR C 193 -10.54 24.62 -28.62
CA THR C 193 -11.84 25.30 -28.70
C THR C 193 -12.22 25.86 -27.33
N ASN C 194 -13.19 26.77 -27.31
CA ASN C 194 -13.91 27.08 -26.08
C ASN C 194 -14.68 25.85 -25.55
N PHE C 195 -15.07 25.90 -24.29
CA PHE C 195 -15.85 24.88 -23.60
C PHE C 195 -17.34 25.00 -24.00
N VAL C 196 -17.90 23.98 -24.64
CA VAL C 196 -19.25 24.00 -25.23
C VAL C 196 -20.21 23.15 -24.40
N VAL C 197 -21.34 23.73 -24.01
CA VAL C 197 -22.41 23.09 -23.25
C VAL C 197 -23.78 23.60 -23.69
N PRO C 198 -24.84 22.80 -23.56
CA PRO C 198 -26.22 23.28 -23.60
C PRO C 198 -26.58 23.95 -22.27
N ASP C 199 -27.79 24.51 -22.19
CA ASP C 199 -28.37 25.02 -20.94
C ASP C 199 -28.39 23.94 -19.83
N SER C 200 -28.49 24.36 -18.56
CA SER C 200 -28.60 23.47 -17.38
C SER C 200 -27.45 22.45 -17.23
N THR C 201 -26.26 22.81 -17.71
CA THR C 201 -25.03 22.01 -17.65
C THR C 201 -23.91 22.83 -17.00
N PRO C 202 -23.05 22.26 -16.14
CA PRO C 202 -21.90 22.99 -15.60
C PRO C 202 -21.01 23.55 -16.73
N ASP C 203 -20.67 24.83 -16.69
CA ASP C 203 -19.80 25.51 -17.68
C ASP C 203 -18.29 25.33 -17.38
N ASN C 204 -17.97 24.41 -16.49
CA ASN C 204 -16.62 23.98 -16.16
C ASN C 204 -16.62 22.47 -15.93
N ALA C 205 -15.45 21.86 -16.04
CA ALA C 205 -15.21 20.46 -15.75
C ALA C 205 -13.81 20.27 -15.21
N LYS C 206 -13.50 19.04 -14.81
CA LYS C 206 -12.17 18.67 -14.34
C LYS C 206 -11.60 17.57 -15.22
N MET C 207 -10.30 17.58 -15.34
CA MET C 207 -9.51 16.56 -16.01
C MET C 207 -8.53 15.96 -15.00
N VAL C 208 -8.30 14.66 -15.10
CA VAL C 208 -7.37 13.91 -14.27
C VAL C 208 -6.25 13.35 -15.13
N CYS C 209 -5.01 13.56 -14.71
CA CYS C 209 -3.81 13.09 -15.39
C CYS C 209 -3.19 11.91 -14.63
N MET C 210 -2.71 10.90 -15.33
CA MET C 210 -2.13 9.69 -14.77
C MET C 210 -0.82 9.33 -15.45
N VAL C 211 0.04 8.61 -14.74
CA VAL C 211 1.32 8.10 -15.27
C VAL C 211 1.56 6.65 -14.85
N SER C 212 2.22 5.89 -15.71
CA SER C 212 2.76 4.56 -15.44
C SER C 212 3.95 4.24 -16.34
N ALA C 213 4.73 3.24 -15.95
CA ALA C 213 5.74 2.62 -16.79
C ALA C 213 5.14 1.75 -17.90
N CYS C 214 5.84 1.67 -19.03
CA CYS C 214 5.64 0.60 -20.00
C CYS C 214 6.47 -0.66 -19.63
N LYS C 215 6.30 -1.75 -20.37
CA LYS C 215 6.99 -3.04 -20.13
C LYS C 215 8.52 -2.98 -20.31
N ASP C 216 9.05 -1.96 -20.96
CA ASP C 216 10.50 -1.74 -21.15
C ASP C 216 11.19 -1.04 -19.98
N PHE C 217 10.45 -0.56 -18.98
CA PHE C 217 10.99 0.25 -17.90
C PHE C 217 11.99 -0.51 -17.02
N CYS C 218 13.07 0.16 -16.62
CA CYS C 218 14.10 -0.45 -15.79
C CYS C 218 14.71 0.58 -14.83
N LEU C 219 15.04 0.15 -13.62
CA LEU C 219 15.68 0.94 -12.58
C LEU C 219 16.99 0.27 -12.19
N ARG C 220 18.01 1.05 -11.86
CA ARG C 220 19.35 0.54 -11.56
C ARG C 220 20.04 1.35 -10.48
N LEU C 221 20.95 0.69 -9.77
CA LEU C 221 21.77 1.21 -8.68
C LEU C 221 20.92 1.76 -7.53
N ALA C 222 20.46 0.87 -6.65
CA ALA C 222 19.63 1.24 -5.51
C ALA C 222 20.31 2.25 -4.59
N ARG C 223 19.54 3.15 -3.96
CA ARG C 223 20.00 4.06 -2.92
C ARG C 223 18.91 4.41 -1.90
N ASP C 224 19.32 4.65 -0.67
CA ASP C 224 18.47 5.12 0.44
C ASP C 224 18.86 6.57 0.81
N THR C 225 17.88 7.47 0.96
CA THR C 225 18.12 8.89 1.23
C THR C 225 16.90 9.54 1.91
N ASN C 226 17.08 10.72 2.51
CA ASN C 226 16.09 11.44 3.34
C ASN C 226 14.91 12.08 2.57
N LEU C 227 14.59 11.63 1.35
CA LEU C 227 13.41 12.08 0.60
C LEU C 227 12.08 11.69 1.29
N HIS C 228 12.14 10.71 2.20
CA HIS C 228 11.20 10.56 3.32
C HIS C 228 12.01 10.60 4.62
N THR C 229 11.54 11.35 5.62
CA THR C 229 12.21 11.50 6.92
C THR C 229 11.91 10.32 7.84
#